data_4F03
#
_entry.id   4F03
#
_cell.length_a   86.989
_cell.length_b   88.383
_cell.length_c   157.007
_cell.angle_alpha   90.00
_cell.angle_beta   90.00
_cell.angle_gamma   90.00
#
_symmetry.space_group_name_H-M   'P 21 21 21'
#
loop_
_entity.id
_entity.type
_entity.pdbx_description
1 polymer 'Glutathione transferase'
2 non-polymer 'SULFATE ION'
3 non-polymer GLYCEROL
4 water water
#
_entity_poly.entity_id   1
_entity_poly.type   'polypeptide(L)'
_entity_poly.pdbx_seq_one_letter_code
;(MSE)AQPIVFYDIPSNERIKHSPWSPNTWKIRYALNYKGLKYKTEWVEYPDIAGVVQKLGGKPTEKTPDGRDHYTLPVI
YDPNTKKVVEDSAAIAKYLDETYPDTPKLFPAGTDAFQAAFLDFAWPVLGFPVF(MSE)LVILDTANSLLPRSHDYFRST
REQKFGKKLEELATEEEWAKVEAGLAKLKGYLDANGKGNDLLL(MSE)GAQGGITYSDIQIASFFVWAKIIWGEGSEKWK
RLISLHDGKWAQFYAQFTKFEQVDV
;
_entity_poly.pdbx_strand_id   A,B,C,D
#
loop_
_chem_comp.id
_chem_comp.type
_chem_comp.name
_chem_comp.formula
GOL non-polymer GLYCEROL 'C3 H8 O3'
SO4 non-polymer 'SULFATE ION' 'O4 S -2'
#
# COMPACT_ATOMS: atom_id res chain seq x y z
N ALA A 2 -29.84 -17.88 -50.05
CA ALA A 2 -28.86 -16.96 -49.47
C ALA A 2 -27.67 -16.78 -50.40
N GLN A 3 -27.19 -15.55 -50.53
CA GLN A 3 -25.99 -15.30 -51.30
C GLN A 3 -24.80 -15.78 -50.47
N PRO A 4 -23.74 -16.26 -51.13
CA PRO A 4 -22.52 -16.66 -50.41
C PRO A 4 -21.93 -15.48 -49.67
N ILE A 5 -21.48 -15.70 -48.43
CA ILE A 5 -20.70 -14.71 -47.72
C ILE A 5 -19.33 -14.57 -48.42
N VAL A 6 -18.83 -13.34 -48.50
CA VAL A 6 -17.52 -13.12 -49.12
C VAL A 6 -16.47 -13.18 -48.03
N PHE A 7 -15.53 -14.10 -48.19
CA PHE A 7 -14.55 -14.41 -47.16
C PHE A 7 -13.16 -14.00 -47.65
N TYR A 8 -12.55 -13.03 -46.98
CA TYR A 8 -11.26 -12.48 -47.40
C TYR A 8 -10.09 -13.21 -46.73
N ASP A 9 -9.20 -13.79 -47.54
CA ASP A 9 -8.15 -14.67 -47.06
C ASP A 9 -6.85 -14.29 -47.78
N ILE A 10 -5.71 -14.74 -47.27
CA ILE A 10 -4.41 -14.46 -47.85
C ILE A 10 -3.94 -15.65 -48.71
N PRO A 11 -3.60 -15.37 -49.98
CA PRO A 11 -3.25 -16.46 -50.90
C PRO A 11 -1.83 -16.98 -50.65
N SER A 12 -1.49 -18.06 -51.35
CA SER A 12 -0.17 -18.67 -51.22
C SER A 12 0.36 -19.03 -52.60
N ASN A 13 1.61 -19.46 -52.67
CA ASN A 13 2.23 -19.81 -53.94
C ASN A 13 2.21 -21.32 -54.20
N GLU A 14 2.99 -21.78 -55.18
CA GLU A 14 2.94 -23.19 -55.58
C GLU A 14 3.50 -24.15 -54.55
N ARG A 15 4.33 -23.65 -53.63
CA ARG A 15 4.91 -24.48 -52.59
C ARG A 15 3.84 -25.30 -51.86
N ILE A 16 2.69 -24.67 -51.61
CA ILE A 16 1.62 -25.37 -50.92
C ILE A 16 0.37 -25.46 -51.82
N LYS A 17 0.62 -25.38 -53.12
CA LYS A 17 -0.44 -25.51 -54.11
C LYS A 17 -1.58 -24.50 -53.91
N HIS A 18 -1.21 -23.29 -53.52
CA HIS A 18 -2.15 -22.16 -53.44
C HIS A 18 -3.21 -22.39 -52.38
N SER A 19 -2.93 -23.28 -51.44
CA SER A 19 -3.87 -23.55 -50.36
C SER A 19 -3.99 -22.35 -49.42
N PRO A 20 -5.18 -22.14 -48.85
CA PRO A 20 -5.28 -21.22 -47.72
C PRO A 20 -4.44 -21.80 -46.57
N TRP A 21 -3.87 -20.95 -45.71
CA TRP A 21 -2.88 -21.40 -44.74
C TRP A 21 -2.92 -20.70 -43.38
N SER A 22 -3.45 -19.47 -43.35
CA SER A 22 -3.32 -18.61 -42.17
C SER A 22 -4.08 -19.17 -40.97
N PRO A 23 -3.43 -19.23 -39.80
CA PRO A 23 -4.14 -19.77 -38.63
C PRO A 23 -5.31 -18.88 -38.24
N ASN A 24 -5.17 -17.58 -38.49
CA ASN A 24 -6.25 -16.66 -38.15
C ASN A 24 -7.46 -16.74 -39.09
N THR A 25 -7.20 -16.78 -40.40
CA THR A 25 -8.31 -16.95 -41.33
C THR A 25 -8.90 -18.35 -41.26
N TRP A 26 -8.07 -19.35 -40.96
CA TRP A 26 -8.60 -20.69 -40.84
C TRP A 26 -9.63 -20.80 -39.69
N LYS A 27 -9.52 -19.94 -38.67
CA LYS A 27 -10.53 -19.95 -37.59
C LYS A 27 -11.90 -19.66 -38.17
N ILE A 28 -11.96 -18.77 -39.15
CA ILE A 28 -13.24 -18.41 -39.75
C ILE A 28 -13.62 -19.36 -40.90
N ARG A 29 -12.63 -19.88 -41.63
CA ARG A 29 -12.91 -20.95 -42.60
C ARG A 29 -13.53 -22.14 -41.87
N TYR A 30 -12.94 -22.48 -40.72
CA TYR A 30 -13.49 -23.53 -39.88
C TYR A 30 -14.92 -23.18 -39.45
N ALA A 31 -15.12 -21.96 -38.96
CA ALA A 31 -16.44 -21.56 -38.48
C ALA A 31 -17.50 -21.66 -39.59
N LEU A 32 -17.15 -21.18 -40.77
CA LEU A 32 -18.07 -21.22 -41.90
C LEU A 32 -18.37 -22.66 -42.32
N ASN A 33 -17.32 -23.47 -42.48
CA ASN A 33 -17.47 -24.89 -42.85
C ASN A 33 -18.28 -25.67 -41.82
N TYR A 34 -18.00 -25.44 -40.55
CA TYR A 34 -18.69 -26.11 -39.46
C TYR A 34 -20.18 -25.74 -39.41
N LYS A 35 -20.48 -24.47 -39.70
CA LYS A 35 -21.89 -24.01 -39.68
C LYS A 35 -22.62 -24.35 -40.97
N GLY A 36 -21.87 -24.79 -41.98
CA GLY A 36 -22.45 -25.15 -43.27
C GLY A 36 -22.91 -23.95 -44.08
N LEU A 37 -22.32 -22.79 -43.82
CA LEU A 37 -22.72 -21.56 -44.50
C LEU A 37 -22.04 -21.46 -45.86
N LYS A 38 -22.75 -20.96 -46.85
CA LYS A 38 -22.19 -20.81 -48.18
C LYS A 38 -21.29 -19.57 -48.23
N TYR A 39 -20.12 -19.71 -48.87
CA TYR A 39 -19.21 -18.59 -49.00
C TYR A 39 -18.28 -18.77 -50.19
N LYS A 40 -17.65 -17.67 -50.58
CA LYS A 40 -16.62 -17.71 -51.60
C LYS A 40 -15.42 -16.92 -51.09
N THR A 41 -14.23 -17.36 -51.47
CA THR A 41 -13.03 -16.70 -50.99
C THR A 41 -12.58 -15.61 -51.96
N GLU A 42 -12.23 -14.45 -51.39
CA GLU A 42 -11.55 -13.40 -52.13
C GLU A 42 -10.14 -13.31 -51.59
N TRP A 43 -9.14 -13.45 -52.46
CA TRP A 43 -7.75 -13.47 -52.02
C TRP A 43 -7.13 -12.10 -52.00
N VAL A 44 -6.50 -11.73 -50.89
CA VAL A 44 -5.87 -10.43 -50.75
C VAL A 44 -4.44 -10.59 -50.26
N GLU A 45 -3.47 -10.07 -51.01
CA GLU A 45 -2.09 -10.08 -50.55
C GLU A 45 -1.86 -9.22 -49.31
N TYR A 46 -0.90 -9.60 -48.46
CA TYR A 46 -0.58 -8.85 -47.24
C TYR A 46 -0.52 -7.32 -47.35
N PRO A 47 0.25 -6.78 -48.33
CA PRO A 47 0.35 -5.31 -48.36
C PRO A 47 -0.92 -4.64 -48.87
N ASP A 48 -1.85 -5.41 -49.41
CA ASP A 48 -3.09 -4.88 -49.99
C ASP A 48 -4.27 -4.89 -49.01
N ILE A 49 -4.09 -5.54 -47.86
CA ILE A 49 -5.17 -5.73 -46.88
C ILE A 49 -5.79 -4.42 -46.40
N ALA A 50 -4.94 -3.48 -45.98
CA ALA A 50 -5.44 -2.21 -45.44
C ALA A 50 -6.32 -1.48 -46.46
N GLY A 51 -5.81 -1.35 -47.68
CA GLY A 51 -6.60 -0.76 -48.77
C GLY A 51 -7.93 -1.46 -49.03
N VAL A 52 -7.91 -2.78 -49.07
CA VAL A 52 -9.12 -3.54 -49.39
C VAL A 52 -10.17 -3.39 -48.29
N VAL A 53 -9.75 -3.53 -47.04
CA VAL A 53 -10.68 -3.45 -45.92
C VAL A 53 -11.25 -2.04 -45.79
N GLN A 54 -10.40 -1.03 -45.99
CA GLN A 54 -10.88 0.36 -46.00
C GLN A 54 -11.95 0.59 -47.07
N LYS A 55 -11.66 0.15 -48.29
CA LYS A 55 -12.58 0.31 -49.40
C LYS A 55 -13.93 -0.35 -49.13
N LEU A 56 -13.90 -1.48 -48.43
CA LEU A 56 -15.12 -2.19 -48.07
C LEU A 56 -15.95 -1.42 -47.07
N GLY A 57 -15.33 -0.44 -46.43
CA GLY A 57 -15.95 0.23 -45.30
C GLY A 57 -15.68 -0.50 -44.00
N GLY A 58 -14.71 -1.42 -44.04
CA GLY A 58 -14.33 -2.16 -42.84
C GLY A 58 -13.49 -1.35 -41.89
N LYS A 59 -13.21 -1.90 -40.72
CA LYS A 59 -12.46 -1.18 -39.69
C LYS A 59 -11.16 -1.90 -39.36
N PRO A 60 -10.21 -1.17 -38.75
CA PRO A 60 -8.97 -1.80 -38.28
C PRO A 60 -9.23 -2.59 -37.00
N THR A 61 -8.45 -3.63 -36.75
CA THR A 61 -8.67 -4.45 -35.56
C THR A 61 -7.78 -4.05 -34.39
N GLU A 62 -6.83 -3.14 -34.66
CA GLU A 62 -5.93 -2.69 -33.62
C GLU A 62 -5.46 -1.26 -33.88
N LYS A 63 -5.49 -0.43 -32.84
CA LYS A 63 -5.02 0.96 -32.94
C LYS A 63 -3.95 1.19 -31.88
N THR A 64 -2.70 1.31 -32.33
CA THR A 64 -1.54 1.34 -31.42
C THR A 64 -1.35 2.70 -30.73
N PRO A 65 -0.57 2.73 -29.62
CA PRO A 65 -0.38 3.99 -28.88
C PRO A 65 0.35 5.07 -29.69
N ASP A 66 0.80 4.75 -30.89
CA ASP A 66 1.29 5.77 -31.81
C ASP A 66 0.12 6.32 -32.63
N GLY A 67 -1.07 5.75 -32.40
CA GLY A 67 -2.28 6.23 -33.02
C GLY A 67 -2.58 5.60 -34.37
N ARG A 68 -1.67 4.76 -34.86
CA ARG A 68 -1.82 4.20 -36.21
C ARG A 68 -2.70 2.96 -36.22
N ASP A 69 -3.58 2.89 -37.21
CA ASP A 69 -4.53 1.80 -37.35
C ASP A 69 -3.88 0.59 -38.01
N HIS A 70 -4.36 -0.60 -37.66
CA HIS A 70 -3.82 -1.82 -38.24
C HIS A 70 -4.96 -2.71 -38.71
N TYR A 71 -5.00 -2.96 -40.02
CA TYR A 71 -6.04 -3.81 -40.59
C TYR A 71 -5.54 -5.25 -40.66
N THR A 72 -6.45 -6.19 -40.48
CA THR A 72 -6.09 -7.60 -40.52
C THR A 72 -7.17 -8.39 -41.24
N LEU A 73 -6.77 -9.55 -41.76
CA LEU A 73 -7.72 -10.59 -42.15
C LEU A 73 -7.72 -11.67 -41.05
N PRO A 74 -8.82 -12.45 -40.93
CA PRO A 74 -10.01 -12.49 -41.79
C PRO A 74 -10.99 -11.31 -41.65
N VAL A 75 -11.69 -11.05 -42.74
CA VAL A 75 -12.83 -10.11 -42.75
C VAL A 75 -13.89 -10.83 -43.58
N ILE A 76 -15.16 -10.58 -43.30
CA ILE A 76 -16.19 -11.06 -44.20
C ILE A 76 -17.08 -9.89 -44.62
N TYR A 77 -17.63 -10.00 -45.81
CA TYR A 77 -18.78 -9.20 -46.17
C TYR A 77 -19.95 -10.15 -46.39
N ASP A 78 -21.00 -9.98 -45.58
CA ASP A 78 -22.18 -10.81 -45.70
C ASP A 78 -23.20 -10.01 -46.51
N PRO A 79 -23.46 -10.45 -47.75
CA PRO A 79 -24.33 -9.68 -48.64
C PRO A 79 -25.76 -9.72 -48.13
N ASN A 80 -26.06 -10.74 -47.32
CA ASN A 80 -27.42 -10.95 -46.82
C ASN A 80 -27.82 -9.96 -45.74
N THR A 81 -26.84 -9.33 -45.11
CA THR A 81 -27.08 -8.34 -44.06
C THR A 81 -26.43 -7.03 -44.42
N LYS A 82 -25.69 -7.03 -45.52
CA LYS A 82 -24.87 -5.89 -45.93
C LYS A 82 -23.88 -5.43 -44.86
N LYS A 83 -23.38 -6.37 -44.06
CA LYS A 83 -22.43 -6.00 -43.02
C LYS A 83 -21.02 -6.48 -43.34
N VAL A 84 -20.06 -5.61 -43.11
CA VAL A 84 -18.65 -6.00 -43.08
C VAL A 84 -18.29 -6.32 -41.62
N VAL A 85 -17.69 -7.49 -41.39
CA VAL A 85 -17.30 -7.86 -40.04
C VAL A 85 -15.83 -8.26 -40.01
N GLU A 86 -15.08 -7.69 -39.07
CA GLU A 86 -13.64 -7.94 -38.94
C GLU A 86 -13.37 -8.53 -37.56
N ASP A 87 -12.14 -9.02 -37.36
CA ASP A 87 -11.70 -9.65 -36.09
C ASP A 87 -12.32 -11.06 -35.95
N SER A 88 -11.47 -12.09 -35.96
CA SER A 88 -11.97 -13.47 -36.02
C SER A 88 -12.96 -13.82 -34.91
N ALA A 89 -12.67 -13.44 -33.68
CA ALA A 89 -13.57 -13.74 -32.57
C ALA A 89 -14.92 -13.06 -32.76
N ALA A 90 -14.88 -11.81 -33.25
CA ALA A 90 -16.12 -11.06 -33.51
C ALA A 90 -16.88 -11.65 -34.68
N ILE A 91 -16.15 -12.09 -35.71
CA ILE A 91 -16.81 -12.70 -36.85
C ILE A 91 -17.53 -13.98 -36.41
N ALA A 92 -16.86 -14.80 -35.62
CA ALA A 92 -17.48 -16.02 -35.13
C ALA A 92 -18.75 -15.71 -34.32
N LYS A 93 -18.68 -14.69 -33.46
CA LYS A 93 -19.85 -14.33 -32.65
C LYS A 93 -20.98 -13.81 -33.56
N TYR A 94 -20.62 -13.02 -34.57
CA TYR A 94 -21.58 -12.56 -35.57
C TYR A 94 -22.31 -13.74 -36.20
N LEU A 95 -21.56 -14.78 -36.54
CA LEU A 95 -22.14 -15.94 -37.22
C LEU A 95 -23.11 -16.72 -36.34
N ASP A 96 -22.81 -16.78 -35.04
CA ASP A 96 -23.73 -17.35 -34.05
C ASP A 96 -25.04 -16.57 -34.02
N GLU A 97 -24.93 -15.26 -33.86
CA GLU A 97 -26.13 -14.41 -33.66
C GLU A 97 -26.98 -14.25 -34.91
N THR A 98 -26.35 -14.21 -36.08
CA THR A 98 -27.06 -13.93 -37.31
C THR A 98 -27.61 -15.21 -37.92
N TYR A 99 -27.00 -16.34 -37.55
CA TYR A 99 -27.40 -17.62 -38.13
C TYR A 99 -27.70 -18.60 -37.02
N PRO A 100 -28.81 -18.35 -36.29
CA PRO A 100 -29.10 -19.13 -35.09
C PRO A 100 -29.39 -20.60 -35.35
N ASP A 101 -29.67 -20.97 -36.59
CA ASP A 101 -29.96 -22.37 -36.89
C ASP A 101 -28.68 -23.20 -37.01
N THR A 102 -27.54 -22.52 -36.99
CA THR A 102 -26.26 -23.22 -37.11
C THR A 102 -25.68 -23.49 -35.71
N PRO A 103 -24.82 -24.52 -35.61
CA PRO A 103 -24.27 -24.91 -34.31
C PRO A 103 -23.47 -23.76 -33.67
N LYS A 104 -23.65 -23.56 -32.36
CA LYS A 104 -23.07 -22.41 -31.69
C LYS A 104 -21.60 -22.60 -31.41
N LEU A 105 -20.82 -21.56 -31.68
CA LEU A 105 -19.42 -21.57 -31.30
C LEU A 105 -19.21 -20.96 -29.93
N PHE A 106 -20.16 -20.13 -29.49
CA PHE A 106 -20.12 -19.57 -28.13
C PHE A 106 -21.40 -19.90 -27.36
N PRO A 107 -21.51 -21.13 -26.84
CA PRO A 107 -22.68 -21.51 -26.04
C PRO A 107 -22.89 -20.52 -24.89
N ALA A 108 -24.15 -20.31 -24.50
CA ALA A 108 -24.46 -19.37 -23.42
C ALA A 108 -23.66 -19.69 -22.17
N GLY A 109 -23.16 -18.65 -21.51
CA GLY A 109 -22.39 -18.81 -20.30
C GLY A 109 -20.90 -19.05 -20.53
N THR A 110 -20.46 -19.13 -21.79
CA THR A 110 -19.06 -19.45 -22.04
C THR A 110 -18.22 -18.30 -22.55
N ASP A 111 -18.82 -17.15 -22.84
CA ASP A 111 -18.07 -16.09 -23.53
C ASP A 111 -16.83 -15.62 -22.78
N ALA A 112 -16.96 -15.39 -21.48
CA ALA A 112 -15.80 -14.95 -20.68
C ALA A 112 -14.75 -16.04 -20.56
N PHE A 113 -15.18 -17.28 -20.33
CA PHE A 113 -14.22 -18.39 -20.23
C PHE A 113 -13.47 -18.54 -21.55
N GLN A 114 -14.18 -18.34 -22.67
CA GLN A 114 -13.52 -18.44 -23.96
C GLN A 114 -12.60 -17.26 -24.20
N ALA A 115 -13.01 -16.08 -23.78
CA ALA A 115 -12.12 -14.92 -23.91
C ALA A 115 -10.82 -15.15 -23.15
N ALA A 116 -10.93 -15.74 -21.97
CA ALA A 116 -9.74 -16.03 -21.16
C ALA A 116 -8.87 -17.08 -21.85
N PHE A 117 -9.49 -18.18 -22.26
CA PHE A 117 -8.76 -19.24 -22.97
C PHE A 117 -8.05 -18.73 -24.22
N LEU A 118 -8.74 -17.91 -25.02
CA LEU A 118 -8.18 -17.41 -26.27
C LEU A 118 -6.98 -16.52 -25.99
N ASP A 119 -7.02 -15.84 -24.85
CA ASP A 119 -5.94 -14.93 -24.49
C ASP A 119 -4.70 -15.71 -24.10
N PHE A 120 -4.89 -16.99 -23.76
CA PHE A 120 -3.77 -17.86 -23.38
C PHE A 120 -3.25 -18.64 -24.60
N ALA A 121 -4.11 -18.83 -25.59
CA ALA A 121 -3.81 -19.70 -26.73
C ALA A 121 -2.55 -19.32 -27.51
N TRP A 122 -2.35 -18.04 -27.80
CA TRP A 122 -1.12 -17.64 -28.50
C TRP A 122 0.13 -17.66 -27.63
N PRO A 123 0.08 -17.02 -26.44
CA PRO A 123 1.29 -17.05 -25.62
C PRO A 123 1.77 -18.46 -25.31
N VAL A 124 0.87 -19.39 -25.06
CA VAL A 124 1.30 -20.70 -24.61
C VAL A 124 1.50 -21.75 -25.70
N LEU A 125 0.79 -21.61 -26.81
CA LEU A 125 0.95 -22.60 -27.87
C LEU A 125 1.19 -21.95 -29.21
N GLY A 126 0.41 -20.92 -29.53
CA GLY A 126 0.47 -20.33 -30.86
C GLY A 126 1.85 -19.79 -31.22
N PHE A 127 2.45 -19.03 -30.31
CA PHE A 127 3.74 -18.42 -30.64
C PHE A 127 4.86 -19.43 -30.86
N PRO A 128 5.00 -20.43 -29.96
CA PRO A 128 6.02 -21.44 -30.26
C PRO A 128 5.78 -22.14 -31.61
N VAL A 129 4.52 -22.45 -31.94
CA VAL A 129 4.24 -23.02 -33.25
C VAL A 129 4.64 -22.05 -34.35
N PHE A 130 4.28 -20.77 -34.17
CA PHE A 130 4.65 -19.73 -35.13
C PHE A 130 6.16 -19.76 -35.42
N MSE A 131 6.97 -19.85 -34.38
CA MSE A 131 8.43 -19.84 -34.56
C MSE A 131 8.90 -21.01 -35.41
O MSE A 131 9.87 -20.92 -36.16
CB MSE A 131 9.17 -19.84 -33.21
CG MSE A 131 8.90 -18.63 -32.31
SE MSE A 131 9.18 -16.89 -33.19
CE MSE A 131 7.43 -16.57 -33.95
N LEU A 132 8.18 -22.13 -35.30
CA LEU A 132 8.56 -23.34 -36.02
C LEU A 132 8.06 -23.37 -37.47
N VAL A 133 7.08 -22.53 -37.80
CA VAL A 133 6.50 -22.53 -39.14
C VAL A 133 6.68 -21.21 -39.88
N ILE A 134 7.29 -20.23 -39.24
CA ILE A 134 7.29 -18.88 -39.81
C ILE A 134 8.14 -18.75 -41.08
N LEU A 135 9.28 -19.43 -41.12
CA LEU A 135 10.12 -19.37 -42.32
C LEU A 135 9.40 -20.04 -43.48
N ASP A 136 8.91 -21.25 -43.27
CA ASP A 136 8.20 -21.97 -44.31
C ASP A 136 6.92 -21.23 -44.72
N THR A 137 6.28 -20.57 -43.75
CA THR A 137 5.14 -19.71 -44.08
C THR A 137 5.54 -18.61 -45.08
N ALA A 138 6.57 -17.83 -44.72
CA ALA A 138 7.08 -16.78 -45.59
C ALA A 138 7.39 -17.30 -46.98
N ASN A 139 7.99 -18.49 -47.05
CA ASN A 139 8.38 -19.05 -48.34
C ASN A 139 7.21 -19.67 -49.10
N SER A 140 6.01 -19.61 -48.51
CA SER A 140 4.79 -20.01 -49.19
C SER A 140 3.97 -18.83 -49.68
N LEU A 141 4.48 -17.61 -49.47
CA LEU A 141 3.76 -16.40 -49.86
C LEU A 141 4.14 -15.95 -51.26
N LEU A 142 3.20 -15.30 -51.95
CA LEU A 142 3.51 -14.59 -53.19
C LEU A 142 4.57 -13.53 -52.89
N PRO A 143 5.36 -13.13 -53.92
CA PRO A 143 6.50 -12.23 -53.69
C PRO A 143 6.19 -10.93 -52.93
N ARG A 144 5.10 -10.24 -53.28
CA ARG A 144 4.75 -8.99 -52.60
C ARG A 144 4.42 -9.26 -51.13
N SER A 145 3.65 -10.32 -50.88
CA SER A 145 3.33 -10.72 -49.52
C SER A 145 4.60 -11.14 -48.78
N HIS A 146 5.49 -11.85 -49.45
CA HIS A 146 6.76 -12.27 -48.82
C HIS A 146 7.51 -11.05 -48.30
N ASP A 147 7.66 -10.05 -49.16
CA ASP A 147 8.43 -8.85 -48.82
C ASP A 147 7.85 -8.14 -47.58
N TYR A 148 6.54 -7.94 -47.60
CA TYR A 148 5.86 -7.32 -46.47
C TYR A 148 5.95 -8.16 -45.20
N PHE A 149 5.73 -9.47 -45.35
CA PHE A 149 5.72 -10.37 -44.21
C PHE A 149 7.10 -10.47 -43.60
N ARG A 150 8.12 -10.62 -44.45
CA ARG A 150 9.46 -10.71 -43.92
C ARG A 150 9.83 -9.41 -43.18
N SER A 151 9.56 -8.27 -43.82
CA SER A 151 9.91 -6.99 -43.20
C SER A 151 9.24 -6.82 -41.84
N THR A 152 7.92 -6.95 -41.82
CA THR A 152 7.14 -6.71 -40.61
C THR A 152 7.41 -7.74 -39.51
N ARG A 153 7.50 -9.01 -39.89
CA ARG A 153 7.69 -10.05 -38.88
C ARG A 153 9.10 -10.11 -38.32
N GLU A 154 10.13 -9.86 -39.15
CA GLU A 154 11.48 -9.75 -38.61
C GLU A 154 11.62 -8.57 -37.65
N GLN A 155 10.92 -7.48 -37.96
CA GLN A 155 10.91 -6.31 -37.09
C GLN A 155 10.28 -6.67 -35.75
N LYS A 156 9.20 -7.43 -35.79
CA LYS A 156 8.50 -7.85 -34.57
C LYS A 156 9.33 -8.78 -33.70
N PHE A 157 9.95 -9.79 -34.32
CA PHE A 157 10.65 -10.83 -33.55
C PHE A 157 12.15 -10.60 -33.38
N GLY A 158 12.69 -9.62 -34.10
CA GLY A 158 14.07 -9.16 -33.88
C GLY A 158 15.21 -10.06 -34.36
N LYS A 159 14.89 -11.03 -35.23
CA LYS A 159 15.88 -11.95 -35.81
C LYS A 159 15.44 -12.22 -37.25
N LYS A 160 16.34 -12.73 -38.10
CA LYS A 160 15.89 -13.13 -39.44
C LYS A 160 14.91 -14.29 -39.28
N LEU A 161 14.00 -14.47 -40.24
CA LEU A 161 13.02 -15.56 -40.15
C LEU A 161 13.72 -16.91 -40.05
N GLU A 162 14.87 -17.01 -40.71
CA GLU A 162 15.63 -18.25 -40.74
C GLU A 162 16.16 -18.66 -39.37
N GLU A 163 16.20 -17.72 -38.43
CA GLU A 163 16.78 -17.99 -37.10
C GLU A 163 15.74 -18.41 -36.07
N LEU A 164 14.47 -18.25 -36.40
CA LEU A 164 13.42 -18.38 -35.38
C LEU A 164 13.09 -19.81 -34.95
N ALA A 165 13.17 -20.77 -35.85
CA ALA A 165 12.89 -22.15 -35.47
C ALA A 165 14.10 -22.75 -34.74
N THR A 166 13.86 -23.27 -33.53
CA THR A 166 14.91 -23.89 -32.74
C THR A 166 14.33 -25.06 -31.96
N GLU A 167 15.19 -25.92 -31.42
CA GLU A 167 14.75 -27.02 -30.58
C GLU A 167 14.03 -26.55 -29.31
N GLU A 168 14.42 -25.39 -28.79
CA GLU A 168 13.76 -24.82 -27.63
C GLU A 168 12.31 -24.48 -27.94
N GLU A 169 12.03 -24.09 -29.18
CA GLU A 169 10.64 -23.85 -29.56
C GLU A 169 9.87 -25.16 -29.61
N TRP A 170 10.51 -26.24 -30.05
CA TRP A 170 9.86 -27.57 -30.00
C TRP A 170 9.51 -27.94 -28.56
N ALA A 171 10.42 -27.66 -27.64
CA ALA A 171 10.15 -27.93 -26.23
C ALA A 171 8.96 -27.10 -25.75
N LYS A 172 8.89 -25.85 -26.18
CA LYS A 172 7.83 -24.94 -25.74
C LYS A 172 6.49 -25.35 -26.32
N VAL A 173 6.48 -25.87 -27.55
CA VAL A 173 5.25 -26.38 -28.14
C VAL A 173 4.76 -27.56 -27.30
N GLU A 174 5.65 -28.49 -27.00
CA GLU A 174 5.23 -29.67 -26.24
C GLU A 174 4.74 -29.28 -24.86
N ALA A 175 5.40 -28.31 -24.24
CA ALA A 175 5.02 -27.86 -22.89
C ALA A 175 3.66 -27.18 -22.91
N GLY A 176 3.39 -26.43 -23.99
CA GLY A 176 2.12 -25.76 -24.13
C GLY A 176 1.01 -26.77 -24.33
N LEU A 177 1.28 -27.78 -25.13
CA LEU A 177 0.33 -28.86 -25.33
C LEU A 177 0.11 -29.66 -24.05
N ALA A 178 1.17 -29.81 -23.24
CA ALA A 178 1.02 -30.50 -21.95
C ALA A 178 0.04 -29.75 -21.04
N LYS A 179 0.14 -28.42 -21.00
CA LYS A 179 -0.81 -27.61 -20.25
C LYS A 179 -2.24 -27.84 -20.77
N LEU A 180 -2.40 -27.84 -22.09
CA LEU A 180 -3.72 -28.02 -22.68
C LEU A 180 -4.25 -29.41 -22.36
N LYS A 181 -3.37 -30.40 -22.42
CA LYS A 181 -3.76 -31.76 -22.07
C LYS A 181 -4.28 -31.77 -20.64
N GLY A 182 -3.59 -31.03 -19.77
CA GLY A 182 -3.97 -30.94 -18.38
C GLY A 182 -5.36 -30.34 -18.21
N TYR A 183 -5.68 -29.32 -19.01
CA TYR A 183 -7.00 -28.71 -18.91
C TYR A 183 -8.07 -29.68 -19.37
N LEU A 184 -7.82 -30.36 -20.48
CA LEU A 184 -8.78 -31.32 -21.02
C LEU A 184 -9.01 -32.50 -20.07
N ASP A 185 -7.95 -32.92 -19.38
CA ASP A 185 -8.04 -34.00 -18.38
C ASP A 185 -9.06 -33.67 -17.29
N ALA A 186 -9.25 -32.39 -17.01
CA ALA A 186 -10.24 -31.99 -16.00
C ALA A 186 -11.65 -32.42 -16.37
N ASN A 187 -11.90 -32.65 -17.65
CA ASN A 187 -13.22 -33.08 -18.09
C ASN A 187 -13.48 -34.55 -17.80
N GLY A 188 -12.42 -35.30 -17.50
CA GLY A 188 -12.57 -36.72 -17.24
C GLY A 188 -12.45 -37.59 -18.47
N LYS A 189 -12.23 -38.89 -18.27
CA LYS A 189 -12.08 -39.81 -19.39
C LYS A 189 -13.32 -39.82 -20.29
N GLY A 190 -13.08 -39.88 -21.59
CA GLY A 190 -14.17 -39.87 -22.55
C GLY A 190 -14.59 -38.46 -22.93
N ASN A 191 -14.13 -37.47 -22.17
CA ASN A 191 -14.53 -36.09 -22.41
C ASN A 191 -13.33 -35.18 -22.62
N ASP A 192 -12.18 -35.78 -22.89
CA ASP A 192 -10.94 -35.01 -22.87
C ASP A 192 -10.41 -34.67 -24.26
N LEU A 193 -11.28 -34.67 -25.26
CA LEU A 193 -10.84 -34.29 -26.62
C LEU A 193 -11.55 -33.04 -27.16
N LEU A 194 -12.49 -32.50 -26.39
CA LEU A 194 -13.12 -31.20 -26.70
C LEU A 194 -13.22 -30.43 -25.39
N LEU A 195 -13.09 -29.10 -25.44
CA LEU A 195 -13.05 -28.32 -24.20
C LEU A 195 -14.32 -28.50 -23.37
N MSE A 196 -15.46 -28.66 -24.03
CA MSE A 196 -16.70 -28.86 -23.27
C MSE A 196 -17.15 -30.32 -23.24
O MSE A 196 -18.29 -30.62 -22.86
CB MSE A 196 -17.80 -27.98 -23.84
CG MSE A 196 -17.41 -26.52 -23.79
SE MSE A 196 -18.93 -25.47 -24.14
CE MSE A 196 -19.88 -25.66 -22.45
N GLY A 197 -16.27 -31.24 -23.61
CA GLY A 197 -16.57 -32.66 -23.49
C GLY A 197 -17.14 -33.27 -24.75
N ALA A 198 -17.29 -34.59 -24.76
CA ALA A 198 -17.59 -35.32 -25.99
C ALA A 198 -18.90 -34.90 -26.63
N GLN A 199 -19.89 -34.53 -25.81
CA GLN A 199 -21.20 -34.12 -26.32
C GLN A 199 -21.46 -32.63 -26.14
N GLY A 200 -20.40 -31.86 -25.89
CA GLY A 200 -20.52 -30.43 -25.71
C GLY A 200 -20.39 -29.64 -27.00
N GLY A 201 -20.00 -30.32 -28.07
CA GLY A 201 -19.85 -29.68 -29.36
C GLY A 201 -18.54 -28.90 -29.50
N ILE A 202 -18.17 -28.61 -30.74
CA ILE A 202 -17.01 -27.79 -31.02
C ILE A 202 -17.26 -26.32 -30.67
N THR A 203 -16.34 -25.74 -29.91
CA THR A 203 -16.42 -24.30 -29.60
C THR A 203 -15.43 -23.53 -30.42
N TYR A 204 -15.56 -22.21 -30.39
CA TYR A 204 -14.59 -21.35 -31.04
C TYR A 204 -13.20 -21.60 -30.47
N SER A 205 -13.15 -21.86 -29.16
CA SER A 205 -11.88 -22.10 -28.50
C SER A 205 -11.21 -23.38 -29.02
N ASP A 206 -12.02 -24.42 -29.25
CA ASP A 206 -11.49 -25.64 -29.88
C ASP A 206 -10.96 -25.33 -31.27
N ILE A 207 -11.73 -24.56 -32.05
CA ILE A 207 -11.27 -24.13 -33.37
C ILE A 207 -9.94 -23.36 -33.32
N GLN A 208 -9.75 -22.53 -32.30
CA GLN A 208 -8.48 -21.83 -32.15
C GLN A 208 -7.30 -22.79 -32.08
N ILE A 209 -7.47 -23.88 -31.33
CA ILE A 209 -6.37 -24.86 -31.20
C ILE A 209 -6.18 -25.61 -32.53
N ALA A 210 -7.29 -26.02 -33.14
CA ALA A 210 -7.24 -26.69 -34.44
C ALA A 210 -6.54 -25.83 -35.50
N SER A 211 -6.73 -24.52 -35.42
CA SER A 211 -6.19 -23.64 -36.46
C SER A 211 -4.68 -23.62 -36.43
N PHE A 212 -4.09 -23.87 -35.26
CA PHE A 212 -2.62 -23.99 -35.20
C PHE A 212 -2.16 -25.27 -35.88
N PHE A 213 -2.92 -26.35 -35.69
CA PHE A 213 -2.55 -27.64 -36.32
C PHE A 213 -2.69 -27.59 -37.85
N VAL A 214 -3.81 -27.09 -38.34
CA VAL A 214 -4.03 -27.06 -39.79
C VAL A 214 -2.96 -26.15 -40.46
N TRP A 215 -2.58 -25.06 -39.79
CA TRP A 215 -1.51 -24.19 -40.26
C TRP A 215 -0.22 -24.98 -40.44
N ALA A 216 0.20 -25.67 -39.37
CA ALA A 216 1.44 -26.45 -39.42
C ALA A 216 1.37 -27.55 -40.48
N LYS A 217 0.23 -28.25 -40.54
CA LYS A 217 0.06 -29.33 -41.53
C LYS A 217 0.22 -28.82 -42.95
N ILE A 218 -0.45 -27.71 -43.27
CA ILE A 218 -0.40 -27.18 -44.63
C ILE A 218 0.98 -26.63 -44.96
N ILE A 219 1.57 -25.90 -44.02
CA ILE A 219 2.86 -25.27 -44.27
C ILE A 219 4.00 -26.29 -44.35
N TRP A 220 4.03 -27.24 -43.43
CA TRP A 220 5.08 -28.27 -43.47
C TRP A 220 4.80 -29.38 -44.49
N GLY A 221 3.53 -29.70 -44.69
CA GLY A 221 3.12 -30.82 -45.52
C GLY A 221 2.73 -32.00 -44.64
N GLU A 222 1.61 -32.64 -44.98
CA GLU A 222 1.06 -33.71 -44.15
C GLU A 222 1.97 -34.93 -44.15
N GLY A 223 2.79 -35.07 -45.19
CA GLY A 223 3.71 -36.19 -45.27
C GLY A 223 5.09 -35.91 -44.71
N SER A 224 5.28 -34.75 -44.08
CA SER A 224 6.60 -34.33 -43.65
C SER A 224 7.00 -34.90 -42.29
N GLU A 225 8.30 -34.90 -42.02
CA GLU A 225 8.79 -35.34 -40.71
C GLU A 225 8.40 -34.40 -39.58
N LYS A 226 8.42 -33.09 -39.82
CA LYS A 226 8.02 -32.14 -38.77
C LYS A 226 6.55 -32.31 -38.38
N TRP A 227 5.67 -32.51 -39.34
CA TRP A 227 4.26 -32.73 -39.03
C TRP A 227 4.10 -34.01 -38.22
N LYS A 228 4.78 -35.06 -38.66
CA LYS A 228 4.76 -36.33 -37.93
C LYS A 228 5.18 -36.15 -36.48
N ARG A 229 6.27 -35.42 -36.27
CA ARG A 229 6.77 -35.17 -34.93
C ARG A 229 5.74 -34.46 -34.07
N LEU A 230 5.16 -33.39 -34.61
CA LEU A 230 4.16 -32.61 -33.88
C LEU A 230 2.96 -33.48 -33.48
N ILE A 231 2.44 -34.22 -34.44
CA ILE A 231 1.19 -34.94 -34.24
C ILE A 231 1.40 -36.26 -33.49
N SER A 232 2.67 -36.62 -33.28
CA SER A 232 2.98 -37.80 -32.49
C SER A 232 3.15 -37.51 -31.01
N LEU A 233 3.15 -36.22 -30.64
CA LEU A 233 3.36 -35.85 -29.24
C LEU A 233 2.27 -36.39 -28.31
N HIS A 234 2.66 -36.66 -27.06
CA HIS A 234 1.74 -37.16 -26.04
C HIS A 234 1.01 -38.41 -26.51
N ASP A 235 1.80 -39.32 -27.08
CA ASP A 235 1.31 -40.62 -27.52
C ASP A 235 0.17 -40.55 -28.52
N GLY A 236 0.12 -39.47 -29.29
CA GLY A 236 -0.84 -39.36 -30.37
C GLY A 236 -2.12 -38.64 -30.01
N LYS A 237 -2.21 -38.09 -28.82
CA LYS A 237 -3.43 -37.41 -28.39
C LYS A 237 -3.88 -36.36 -29.40
N TRP A 238 -2.92 -35.59 -29.92
CA TRP A 238 -3.29 -34.47 -30.80
C TRP A 238 -3.71 -34.94 -32.18
N ALA A 239 -3.22 -36.11 -32.59
CA ALA A 239 -3.76 -36.71 -33.80
C ALA A 239 -5.27 -36.93 -33.67
N GLN A 240 -5.72 -37.44 -32.53
CA GLN A 240 -7.15 -37.64 -32.30
C GLN A 240 -7.91 -36.34 -32.16
N PHE A 241 -7.33 -35.38 -31.45
CA PHE A 241 -7.98 -34.08 -31.29
C PHE A 241 -8.21 -33.47 -32.66
N TYR A 242 -7.13 -33.43 -33.44
CA TYR A 242 -7.15 -32.71 -34.70
C TYR A 242 -8.01 -33.44 -35.76
N ALA A 243 -8.10 -34.78 -35.68
CA ALA A 243 -8.94 -35.55 -36.62
C ALA A 243 -10.43 -35.16 -36.59
N GLN A 244 -10.87 -34.59 -35.47
CA GLN A 244 -12.25 -34.13 -35.33
C GLN A 244 -12.58 -33.00 -36.30
N PHE A 245 -11.54 -32.38 -36.86
CA PHE A 245 -11.74 -31.17 -37.67
C PHE A 245 -11.60 -31.41 -39.16
N THR A 246 -11.15 -32.60 -39.53
CA THR A 246 -10.85 -32.92 -40.93
C THR A 246 -12.07 -32.70 -41.81
N LYS A 247 -13.24 -33.07 -41.30
CA LYS A 247 -14.46 -32.95 -42.08
C LYS A 247 -14.90 -31.50 -42.26
N PHE A 248 -14.18 -30.57 -41.64
CA PHE A 248 -14.51 -29.16 -41.78
C PHE A 248 -13.40 -28.40 -42.48
N GLU A 249 -12.62 -29.11 -43.29
CA GLU A 249 -11.51 -28.47 -44.00
C GLU A 249 -11.75 -28.31 -45.50
N GLN A 250 -13.02 -28.20 -45.90
CA GLN A 250 -13.36 -27.91 -47.29
C GLN A 250 -12.76 -26.58 -47.75
N VAL A 251 -12.27 -26.57 -48.98
CA VAL A 251 -11.81 -25.32 -49.58
C VAL A 251 -12.55 -25.13 -50.90
N ASP A 252 -13.16 -23.95 -51.06
CA ASP A 252 -13.88 -23.61 -52.29
C ASP A 252 -12.91 -23.48 -53.48
N ALA B 2 -26.21 -34.60 8.04
CA ALA B 2 -24.76 -34.76 7.81
C ALA B 2 -23.96 -34.19 8.98
N GLN B 3 -22.85 -34.85 9.32
CA GLN B 3 -21.93 -34.35 10.33
C GLN B 3 -21.09 -33.22 9.77
N PRO B 4 -20.57 -32.33 10.64
CA PRO B 4 -19.74 -31.22 10.15
C PRO B 4 -18.43 -31.69 9.51
N ILE B 5 -18.10 -31.05 8.39
CA ILE B 5 -16.82 -31.27 7.75
C ILE B 5 -15.72 -30.60 8.58
N VAL B 6 -14.59 -31.28 8.71
CA VAL B 6 -13.48 -30.69 9.44
C VAL B 6 -12.59 -29.96 8.43
N PHE B 7 -12.46 -28.65 8.60
CA PHE B 7 -11.77 -27.79 7.64
C PHE B 7 -10.47 -27.27 8.25
N TYR B 8 -9.34 -27.61 7.63
CA TYR B 8 -8.01 -27.24 8.15
C TYR B 8 -7.50 -25.93 7.54
N ASP B 9 -7.25 -24.95 8.41
CA ASP B 9 -6.94 -23.58 7.99
C ASP B 9 -5.76 -23.07 8.81
N ILE B 10 -5.15 -21.97 8.37
CA ILE B 10 -3.98 -21.40 9.03
C ILE B 10 -4.41 -20.20 9.87
N PRO B 11 -4.06 -20.20 11.17
CA PRO B 11 -4.52 -19.15 12.08
C PRO B 11 -3.72 -17.86 11.94
N SER B 12 -4.15 -16.84 12.67
CA SER B 12 -3.46 -15.55 12.65
C SER B 12 -3.45 -14.92 14.03
N ASN B 13 -2.75 -13.80 14.16
CA ASN B 13 -2.63 -13.11 15.45
C ASN B 13 -3.64 -11.97 15.60
N GLU B 14 -3.38 -11.10 16.58
CA GLU B 14 -4.34 -10.08 16.94
C GLU B 14 -4.34 -8.92 15.94
N ARG B 15 -3.28 -8.82 15.13
CA ARG B 15 -3.24 -7.81 14.08
C ARG B 15 -4.51 -7.84 13.22
N ILE B 16 -4.99 -9.03 12.92
CA ILE B 16 -6.22 -9.15 12.16
C ILE B 16 -7.29 -9.91 12.95
N LYS B 17 -7.26 -9.73 14.27
CA LYS B 17 -8.24 -10.31 15.18
C LYS B 17 -8.46 -11.81 14.96
N HIS B 18 -7.37 -12.53 14.69
CA HIS B 18 -7.40 -13.98 14.55
C HIS B 18 -8.25 -14.50 13.38
N SER B 19 -8.57 -13.62 12.44
CA SER B 19 -9.37 -13.99 11.27
C SER B 19 -8.63 -14.96 10.34
N PRO B 20 -9.37 -15.90 9.72
CA PRO B 20 -8.76 -16.65 8.62
C PRO B 20 -8.42 -15.67 7.51
N TRP B 21 -7.40 -15.97 6.71
CA TRP B 21 -6.84 -14.97 5.80
C TRP B 21 -6.34 -15.54 4.46
N SER B 22 -5.97 -16.82 4.46
CA SER B 22 -5.29 -17.39 3.29
C SER B 22 -6.16 -17.38 2.05
N PRO B 23 -5.60 -16.93 0.92
CA PRO B 23 -6.37 -16.93 -0.33
C PRO B 23 -6.69 -18.37 -0.74
N ASN B 24 -5.80 -19.30 -0.43
CA ASN B 24 -6.06 -20.69 -0.83
C ASN B 24 -7.08 -21.38 0.07
N THR B 25 -6.96 -21.23 1.38
CA THR B 25 -8.00 -21.79 2.23
C THR B 25 -9.35 -21.05 2.06
N TRP B 26 -9.32 -19.74 1.77
CA TRP B 26 -10.57 -19.03 1.55
C TRP B 26 -11.39 -19.54 0.37
N LYS B 27 -10.72 -20.13 -0.62
CA LYS B 27 -11.45 -20.69 -1.76
C LYS B 27 -12.37 -21.79 -1.27
N ILE B 28 -11.90 -22.55 -0.28
CA ILE B 28 -12.71 -23.64 0.28
C ILE B 28 -13.66 -23.14 1.38
N ARG B 29 -13.25 -22.13 2.15
CA ARG B 29 -14.19 -21.52 3.08
C ARG B 29 -15.40 -20.96 2.30
N TYR B 30 -15.14 -20.23 1.23
CA TYR B 30 -16.22 -19.76 0.34
C TYR B 30 -17.08 -20.91 -0.18
N ALA B 31 -16.41 -21.97 -0.64
CA ALA B 31 -17.13 -23.10 -1.23
C ALA B 31 -18.10 -23.70 -0.22
N LEU B 32 -17.62 -23.91 1.01
CA LEU B 32 -18.46 -24.46 2.10
C LEU B 32 -19.58 -23.50 2.49
N ASN B 33 -19.26 -22.23 2.70
CA ASN B 33 -20.28 -21.24 3.03
C ASN B 33 -21.34 -21.13 1.93
N TYR B 34 -20.89 -21.11 0.68
CA TYR B 34 -21.79 -20.97 -0.47
C TYR B 34 -22.73 -22.16 -0.59
N LYS B 35 -22.20 -23.36 -0.33
CA LYS B 35 -23.00 -24.59 -0.41
C LYS B 35 -23.83 -24.83 0.85
N GLY B 36 -23.61 -24.02 1.89
CA GLY B 36 -24.38 -24.13 3.12
C GLY B 36 -24.04 -25.38 3.91
N LEU B 37 -22.83 -25.90 3.69
CA LEU B 37 -22.40 -27.12 4.36
C LEU B 37 -21.87 -26.81 5.75
N LYS B 38 -22.25 -27.63 6.71
CA LYS B 38 -21.78 -27.48 8.07
C LYS B 38 -20.32 -27.90 8.19
N TYR B 39 -19.52 -27.06 8.82
CA TYR B 39 -18.11 -27.41 9.00
C TYR B 39 -17.57 -26.80 10.28
N LYS B 40 -16.45 -27.32 10.74
CA LYS B 40 -15.75 -26.69 11.84
C LYS B 40 -14.26 -26.55 11.48
N THR B 41 -13.67 -25.41 11.84
CA THR B 41 -12.29 -25.13 11.48
C THR B 41 -11.29 -25.68 12.52
N GLU B 42 -10.28 -26.39 12.03
CA GLU B 42 -9.11 -26.74 12.84
C GLU B 42 -7.94 -25.87 12.41
N TRP B 43 -7.22 -25.30 13.37
CA TRP B 43 -6.13 -24.38 13.07
C TRP B 43 -4.76 -25.04 13.11
N VAL B 44 -4.02 -24.92 12.01
CA VAL B 44 -2.70 -25.50 11.90
C VAL B 44 -1.65 -24.46 11.49
N GLU B 45 -0.62 -24.32 12.32
CA GLU B 45 0.50 -23.43 12.03
C GLU B 45 1.27 -23.92 10.82
N TYR B 46 1.79 -22.99 10.01
CA TYR B 46 2.58 -23.34 8.83
C TYR B 46 3.60 -24.48 9.00
N PRO B 47 4.49 -24.39 10.02
CA PRO B 47 5.49 -25.45 10.12
C PRO B 47 4.93 -26.80 10.56
N ASP B 48 3.69 -26.81 11.05
CA ASP B 48 3.03 -28.04 11.50
C ASP B 48 2.11 -28.69 10.46
N ILE B 49 1.93 -28.02 9.33
CA ILE B 49 1.02 -28.52 8.29
C ILE B 49 1.40 -29.91 7.76
N ALA B 50 2.67 -30.11 7.42
CA ALA B 50 3.09 -31.40 6.88
C ALA B 50 2.80 -32.57 7.84
N GLY B 51 3.15 -32.40 9.11
CA GLY B 51 2.92 -33.42 10.12
C GLY B 51 1.44 -33.71 10.35
N VAL B 52 0.65 -32.65 10.42
CA VAL B 52 -0.80 -32.80 10.58
C VAL B 52 -1.44 -33.55 9.41
N VAL B 53 -1.11 -33.14 8.18
CA VAL B 53 -1.70 -33.76 7.01
C VAL B 53 -1.27 -35.22 6.88
N GLN B 54 0.01 -35.48 7.15
CA GLN B 54 0.52 -36.85 7.16
C GLN B 54 -0.20 -37.74 8.15
N LYS B 55 -0.36 -37.25 9.38
CA LYS B 55 -1.08 -38.01 10.41
C LYS B 55 -2.54 -38.27 10.01
N LEU B 56 -3.15 -37.35 9.28
CA LEU B 56 -4.50 -37.53 8.76
C LEU B 56 -4.56 -38.61 7.69
N GLY B 57 -3.40 -38.93 7.10
CA GLY B 57 -3.35 -39.87 5.99
C GLY B 57 -3.54 -39.14 4.68
N GLY B 58 -3.45 -37.82 4.72
CA GLY B 58 -3.62 -37.00 3.52
C GLY B 58 -2.38 -37.02 2.66
N LYS B 59 -2.48 -36.42 1.48
CA LYS B 59 -1.42 -36.48 0.50
C LYS B 59 -0.78 -35.12 0.26
N PRO B 60 0.47 -35.10 -0.22
CA PRO B 60 1.13 -33.84 -0.61
C PRO B 60 0.48 -33.30 -1.86
N THR B 61 0.51 -31.99 -2.07
CA THR B 61 -0.09 -31.42 -3.27
C THR B 61 0.92 -31.15 -4.39
N GLU B 62 2.20 -31.38 -4.09
CA GLU B 62 3.19 -31.50 -5.16
C GLU B 62 4.47 -32.21 -4.72
N LYS B 63 5.11 -32.87 -5.68
CA LYS B 63 6.42 -33.46 -5.47
C LYS B 63 7.39 -32.78 -6.40
N THR B 64 8.38 -32.12 -5.82
CA THR B 64 9.36 -31.35 -6.58
C THR B 64 10.46 -32.24 -7.18
N PRO B 65 11.08 -31.78 -8.29
CA PRO B 65 12.20 -32.51 -8.92
C PRO B 65 13.33 -32.75 -7.92
N ASP B 66 13.40 -31.90 -6.91
CA ASP B 66 14.34 -32.09 -5.81
C ASP B 66 14.03 -33.39 -5.05
N GLY B 67 12.83 -33.93 -5.29
CA GLY B 67 12.46 -35.22 -4.73
C GLY B 67 11.49 -35.13 -3.57
N ARG B 68 11.37 -33.94 -2.99
CA ARG B 68 10.63 -33.78 -1.74
C ARG B 68 9.14 -33.54 -1.90
N ASP B 69 8.36 -34.07 -0.95
CA ASP B 69 6.92 -33.85 -0.93
C ASP B 69 6.60 -32.51 -0.29
N HIS B 70 5.52 -31.89 -0.74
CA HIS B 70 5.12 -30.61 -0.20
C HIS B 70 3.65 -30.61 0.17
N TYR B 71 3.37 -30.34 1.43
CA TYR B 71 2.01 -30.35 1.96
C TYR B 71 1.46 -28.94 2.06
N THR B 72 0.19 -28.80 1.73
CA THR B 72 -0.47 -27.50 1.78
C THR B 72 -1.83 -27.62 2.44
N LEU B 73 -2.29 -26.51 3.03
CA LEU B 73 -3.70 -26.34 3.34
C LEU B 73 -4.29 -25.57 2.15
N PRO B 74 -5.61 -25.63 1.94
CA PRO B 74 -6.63 -26.33 2.73
C PRO B 74 -6.62 -27.85 2.55
N VAL B 75 -7.10 -28.53 3.59
CA VAL B 75 -7.41 -29.95 3.55
C VAL B 75 -8.74 -30.10 4.29
N ILE B 76 -9.58 -31.05 3.90
CA ILE B 76 -10.75 -31.36 4.72
C ILE B 76 -10.76 -32.83 5.12
N TYR B 77 -11.36 -33.09 6.28
CA TYR B 77 -11.78 -34.44 6.62
C TYR B 77 -13.30 -34.45 6.65
N ASP B 78 -13.88 -35.32 5.83
CA ASP B 78 -15.32 -35.41 5.74
C ASP B 78 -15.76 -36.67 6.47
N PRO B 79 -16.38 -36.50 7.65
CA PRO B 79 -16.82 -37.64 8.44
C PRO B 79 -17.97 -38.40 7.77
N ASN B 80 -18.64 -37.75 6.83
CA ASN B 80 -19.77 -38.36 6.15
C ASN B 80 -19.35 -39.38 5.10
N THR B 81 -18.11 -39.28 4.63
CA THR B 81 -17.57 -40.23 3.68
C THR B 81 -16.34 -40.92 4.24
N LYS B 82 -15.88 -40.43 5.39
CA LYS B 82 -14.62 -40.86 6.00
C LYS B 82 -13.46 -40.71 5.02
N LYS B 83 -13.33 -39.50 4.49
CA LYS B 83 -12.31 -39.20 3.50
C LYS B 83 -11.55 -37.91 3.82
N VAL B 84 -10.25 -37.94 3.54
CA VAL B 84 -9.39 -36.76 3.65
C VAL B 84 -9.20 -36.27 2.23
N VAL B 85 -9.43 -34.98 2.01
CA VAL B 85 -9.27 -34.43 0.66
C VAL B 85 -8.37 -33.21 0.68
N GLU B 86 -7.43 -33.15 -0.26
CA GLU B 86 -6.50 -32.04 -0.34
C GLU B 86 -6.55 -31.35 -1.70
N ASP B 87 -5.85 -30.22 -1.80
CA ASP B 87 -5.77 -29.40 -3.00
C ASP B 87 -7.11 -28.73 -3.28
N SER B 88 -7.12 -27.41 -3.24
CA SER B 88 -8.37 -26.65 -3.25
C SER B 88 -9.29 -26.98 -4.40
N ALA B 89 -8.74 -27.04 -5.62
CA ALA B 89 -9.60 -27.32 -6.78
C ALA B 89 -10.22 -28.71 -6.68
N ALA B 90 -9.44 -29.66 -6.18
CA ALA B 90 -9.94 -31.03 -6.03
C ALA B 90 -10.99 -31.10 -4.92
N ILE B 91 -10.77 -30.36 -3.83
CA ILE B 91 -11.77 -30.32 -2.75
C ILE B 91 -13.09 -29.75 -3.26
N ALA B 92 -13.02 -28.65 -4.01
CA ALA B 92 -14.24 -28.03 -4.52
C ALA B 92 -15.00 -28.97 -5.43
N LYS B 93 -14.28 -29.69 -6.27
CA LYS B 93 -14.89 -30.65 -7.16
C LYS B 93 -15.51 -31.77 -6.34
N TYR B 94 -14.79 -32.22 -5.32
CA TYR B 94 -15.29 -33.24 -4.40
C TYR B 94 -16.59 -32.79 -3.75
N LEU B 95 -16.67 -31.52 -3.34
CA LEU B 95 -17.89 -31.04 -2.70
C LEU B 95 -19.08 -31.03 -3.68
N ASP B 96 -18.82 -30.72 -4.95
CA ASP B 96 -19.86 -30.79 -5.97
C ASP B 96 -20.42 -32.20 -6.07
N GLU B 97 -19.52 -33.16 -6.19
CA GLU B 97 -19.89 -34.56 -6.41
C GLU B 97 -20.57 -35.18 -5.18
N THR B 98 -20.04 -34.85 -4.01
CA THR B 98 -20.50 -35.51 -2.79
C THR B 98 -21.80 -34.91 -2.27
N TYR B 99 -22.02 -33.63 -2.56
CA TYR B 99 -23.24 -32.94 -2.14
C TYR B 99 -23.92 -32.29 -3.34
N PRO B 100 -24.54 -33.12 -4.19
CA PRO B 100 -25.09 -32.68 -5.49
C PRO B 100 -26.29 -31.75 -5.39
N ASP B 101 -26.91 -31.66 -4.21
CA ASP B 101 -28.06 -30.78 -4.04
C ASP B 101 -27.60 -29.35 -3.76
N THR B 102 -26.30 -29.15 -3.61
CA THR B 102 -25.75 -27.83 -3.37
C THR B 102 -25.35 -27.19 -4.71
N PRO B 103 -25.29 -25.84 -4.76
CA PRO B 103 -24.93 -25.17 -6.02
C PRO B 103 -23.62 -25.72 -6.60
N LYS B 104 -23.60 -26.01 -7.90
CA LYS B 104 -22.43 -26.59 -8.54
CA LYS B 104 -22.44 -26.59 -8.55
C LYS B 104 -21.35 -25.55 -8.83
N LEU B 105 -20.14 -25.78 -8.32
CA LEU B 105 -19.05 -24.85 -8.60
C LEU B 105 -18.39 -25.13 -9.95
N PHE B 106 -18.53 -26.34 -10.47
CA PHE B 106 -18.08 -26.69 -11.81
C PHE B 106 -19.24 -27.22 -12.65
N PRO B 107 -20.03 -26.31 -13.24
CA PRO B 107 -21.16 -26.74 -14.09
C PRO B 107 -20.67 -27.66 -15.19
N ALA B 108 -21.54 -28.57 -15.61
CA ALA B 108 -21.18 -29.53 -16.66
C ALA B 108 -20.63 -28.77 -17.87
N GLY B 109 -19.54 -29.25 -18.42
CA GLY B 109 -18.97 -28.64 -19.61
C GLY B 109 -17.98 -27.51 -19.36
N THR B 110 -17.74 -27.15 -18.11
CA THR B 110 -16.84 -26.03 -17.81
C THR B 110 -15.52 -26.44 -17.18
N ASP B 111 -15.32 -27.73 -16.91
CA ASP B 111 -14.11 -28.14 -16.17
C ASP B 111 -12.79 -27.75 -16.84
N ALA B 112 -12.69 -27.97 -18.15
CA ALA B 112 -11.45 -27.61 -18.87
C ALA B 112 -11.27 -26.08 -18.94
N PHE B 113 -12.35 -25.38 -19.23
CA PHE B 113 -12.27 -23.92 -19.26
C PHE B 113 -11.90 -23.35 -17.90
N GLN B 114 -12.46 -23.92 -16.83
CA GLN B 114 -12.07 -23.45 -15.51
C GLN B 114 -10.62 -23.79 -15.16
N ALA B 115 -10.16 -24.98 -15.57
CA ALA B 115 -8.75 -25.33 -15.35
C ALA B 115 -7.80 -24.32 -16.01
N ALA B 116 -8.11 -23.95 -17.25
CA ALA B 116 -7.28 -22.98 -17.96
C ALA B 116 -7.31 -21.62 -17.25
N PHE B 117 -8.51 -21.20 -16.84
CA PHE B 117 -8.69 -19.90 -16.19
C PHE B 117 -7.91 -19.87 -14.86
N LEU B 118 -8.02 -20.95 -14.09
CA LEU B 118 -7.33 -21.05 -12.81
C LEU B 118 -5.81 -21.06 -13.00
N ASP B 119 -5.36 -21.56 -14.13
CA ASP B 119 -3.93 -21.68 -14.38
C ASP B 119 -3.29 -20.33 -14.64
N PHE B 120 -4.11 -19.34 -14.97
CA PHE B 120 -3.57 -18.00 -15.18
C PHE B 120 -4.00 -17.01 -14.10
N ALA B 121 -4.86 -17.44 -13.18
CA ALA B 121 -5.30 -16.55 -12.09
C ALA B 121 -4.14 -16.04 -11.25
N TRP B 122 -3.23 -16.91 -10.84
CA TRP B 122 -2.06 -16.46 -10.06
C TRP B 122 -1.09 -15.59 -10.84
N PRO B 123 -0.61 -16.05 -12.01
CA PRO B 123 0.33 -15.22 -12.77
C PRO B 123 -0.19 -13.83 -13.11
N VAL B 124 -1.47 -13.69 -13.41
CA VAL B 124 -1.94 -12.37 -13.85
C VAL B 124 -2.44 -11.50 -12.72
N LEU B 125 -3.02 -12.12 -11.69
CA LEU B 125 -3.60 -11.33 -10.61
C LEU B 125 -3.07 -11.68 -9.23
N GLY B 126 -3.03 -12.97 -8.92
CA GLY B 126 -2.63 -13.40 -7.58
C GLY B 126 -1.25 -12.97 -7.14
N PHE B 127 -0.25 -13.13 -8.01
CA PHE B 127 1.12 -12.79 -7.64
C PHE B 127 1.34 -11.31 -7.33
N PRO B 128 0.85 -10.40 -8.20
CA PRO B 128 1.00 -8.98 -7.86
C PRO B 128 0.30 -8.61 -6.55
N VAL B 129 -0.88 -9.16 -6.31
CA VAL B 129 -1.57 -8.95 -5.02
C VAL B 129 -0.70 -9.47 -3.89
N PHE B 130 -0.16 -10.68 -4.07
CA PHE B 130 0.70 -11.31 -3.08
C PHE B 130 1.85 -10.38 -2.71
N MSE B 131 2.47 -9.78 -3.73
CA MSE B 131 3.58 -8.87 -3.48
C MSE B 131 3.18 -7.69 -2.60
O MSE B 131 3.97 -7.21 -1.78
CB MSE B 131 4.20 -8.38 -4.80
CG MSE B 131 4.81 -9.49 -5.65
SE MSE B 131 6.16 -10.55 -4.72
CE MSE B 131 4.99 -11.99 -4.03
N LEU B 132 1.94 -7.22 -2.77
CA LEU B 132 1.45 -6.08 -2.03
C LEU B 132 0.95 -6.43 -0.64
N VAL B 133 0.76 -7.71 -0.37
CA VAL B 133 0.26 -8.13 0.94
C VAL B 133 1.22 -9.03 1.72
N ILE B 134 2.35 -9.39 1.10
CA ILE B 134 3.17 -10.44 1.70
C ILE B 134 3.79 -10.02 3.03
N LEU B 135 4.31 -8.80 3.12
CA LEU B 135 4.85 -8.33 4.39
C LEU B 135 3.78 -8.27 5.49
N ASP B 136 2.64 -7.63 5.18
CA ASP B 136 1.55 -7.55 6.16
C ASP B 136 1.03 -8.93 6.54
N THR B 137 1.04 -9.86 5.60
CA THR B 137 0.65 -11.25 5.89
C THR B 137 1.59 -11.84 6.94
N ALA B 138 2.89 -11.74 6.70
CA ALA B 138 3.89 -12.26 7.64
C ALA B 138 3.67 -11.68 9.04
N ASN B 139 3.40 -10.39 9.10
CA ASN B 139 3.17 -9.73 10.39
C ASN B 139 1.83 -10.04 11.01
N SER B 140 1.04 -10.86 10.32
CA SER B 140 -0.27 -11.30 10.83
C SER B 140 -0.23 -12.75 11.31
N LEU B 141 0.93 -13.38 11.21
CA LEU B 141 1.03 -14.79 11.60
C LEU B 141 1.49 -14.92 13.05
N LEU B 142 1.17 -16.04 13.67
CA LEU B 142 1.71 -16.36 14.98
C LEU B 142 3.23 -16.57 14.78
N PRO B 143 4.02 -16.35 15.84
CA PRO B 143 5.48 -16.22 15.67
C PRO B 143 6.13 -17.39 14.92
N ARG B 144 5.74 -18.62 15.23
CA ARG B 144 6.35 -19.79 14.59
C ARG B 144 6.04 -19.84 13.08
N SER B 145 4.79 -19.55 12.75
CA SER B 145 4.38 -19.45 11.36
C SER B 145 5.11 -18.31 10.69
N HIS B 146 5.26 -17.20 11.41
CA HIS B 146 5.98 -16.05 10.87
C HIS B 146 7.41 -16.40 10.44
N ASP B 147 8.15 -17.05 11.34
CA ASP B 147 9.53 -17.41 11.02
C ASP B 147 9.59 -18.33 9.81
N TYR B 148 8.72 -19.34 9.79
CA TYR B 148 8.69 -20.29 8.67
C TYR B 148 8.30 -19.60 7.37
N PHE B 149 7.22 -18.84 7.42
CA PHE B 149 6.72 -18.12 6.24
C PHE B 149 7.75 -17.16 5.68
N ARG B 150 8.35 -16.34 6.55
CA ARG B 150 9.34 -15.36 6.09
C ARG B 150 10.56 -16.06 5.51
N SER B 151 11.07 -17.06 6.22
CA SER B 151 12.22 -17.83 5.74
C SER B 151 11.97 -18.40 4.35
N THR B 152 10.88 -19.15 4.22
CA THR B 152 10.61 -19.85 2.97
C THR B 152 10.27 -18.91 1.80
N ARG B 153 9.48 -17.88 2.08
CA ARG B 153 9.05 -16.98 1.02
C ARG B 153 10.15 -16.02 0.59
N GLU B 154 11.01 -15.60 1.52
CA GLU B 154 12.15 -14.76 1.14
C GLU B 154 13.10 -15.55 0.23
N GLN B 155 13.22 -16.84 0.49
CA GLN B 155 14.01 -17.72 -0.35
C GLN B 155 13.36 -17.88 -1.73
N LYS B 156 12.04 -18.06 -1.74
CA LYS B 156 11.30 -18.20 -2.98
C LYS B 156 11.41 -16.95 -3.86
N PHE B 157 11.23 -15.78 -3.24
CA PHE B 157 11.15 -14.55 -4.03
C PHE B 157 12.48 -13.81 -4.13
N GLY B 158 13.47 -14.26 -3.37
CA GLY B 158 14.84 -13.75 -3.49
C GLY B 158 15.11 -12.39 -2.90
N LYS B 159 14.13 -11.84 -2.17
CA LYS B 159 14.31 -10.56 -1.50
C LYS B 159 13.64 -10.60 -0.14
N LYS B 160 14.02 -9.68 0.74
CA LYS B 160 13.33 -9.51 2.02
C LYS B 160 11.89 -9.14 1.75
N LEU B 161 10.99 -9.52 2.65
CA LEU B 161 9.56 -9.23 2.46
C LEU B 161 9.33 -7.74 2.37
N GLU B 162 10.14 -6.97 3.11
CA GLU B 162 10.04 -5.53 3.16
C GLU B 162 10.23 -4.87 1.80
N GLU B 163 10.83 -5.58 0.86
CA GLU B 163 11.12 -5.00 -0.45
C GLU B 163 10.10 -5.30 -1.54
N LEU B 164 9.15 -6.19 -1.28
CA LEU B 164 8.31 -6.75 -2.34
C LEU B 164 7.12 -5.89 -2.78
N ALA B 165 6.60 -5.06 -1.88
CA ALA B 165 5.48 -4.19 -2.24
C ALA B 165 5.97 -2.89 -2.89
N THR B 166 5.55 -2.64 -4.13
CA THR B 166 6.01 -1.47 -4.88
C THR B 166 4.90 -0.86 -5.71
N GLU B 167 5.13 0.35 -6.21
CA GLU B 167 4.15 0.98 -7.10
C GLU B 167 4.01 0.19 -8.40
N GLU B 168 5.09 -0.46 -8.82
CA GLU B 168 5.04 -1.31 -10.02
C GLU B 168 4.05 -2.45 -9.82
N GLU B 169 4.05 -3.04 -8.63
CA GLU B 169 3.12 -4.14 -8.37
C GLU B 169 1.68 -3.66 -8.39
N TRP B 170 1.44 -2.42 -7.96
CA TRP B 170 0.11 -1.84 -8.05
C TRP B 170 -0.32 -1.73 -9.51
N ALA B 171 0.63 -1.35 -10.37
CA ALA B 171 0.34 -1.22 -11.79
C ALA B 171 0.00 -2.61 -12.37
N LYS B 172 0.76 -3.61 -11.96
CA LYS B 172 0.53 -4.99 -12.42
C LYS B 172 -0.81 -5.52 -11.93
N VAL B 173 -1.19 -5.19 -10.70
CA VAL B 173 -2.51 -5.59 -10.19
C VAL B 173 -3.60 -5.02 -11.08
N GLU B 174 -3.54 -3.71 -11.31
CA GLU B 174 -4.53 -3.06 -12.16
C GLU B 174 -4.53 -3.63 -13.58
N ALA B 175 -3.35 -3.95 -14.10
CA ALA B 175 -3.28 -4.52 -15.45
C ALA B 175 -3.91 -5.91 -15.52
N GLY B 176 -3.71 -6.70 -14.47
CA GLY B 176 -4.35 -8.00 -14.39
C GLY B 176 -5.85 -7.89 -14.30
N LEU B 177 -6.33 -6.95 -13.48
CA LEU B 177 -7.77 -6.75 -13.35
C LEU B 177 -8.33 -6.25 -14.67
N ALA B 178 -7.52 -5.50 -15.41
CA ALA B 178 -7.98 -4.99 -16.71
C ALA B 178 -8.17 -6.15 -17.71
N LYS B 179 -7.29 -7.14 -17.66
CA LYS B 179 -7.47 -8.35 -18.48
C LYS B 179 -8.76 -9.05 -18.08
N LEU B 180 -8.90 -9.30 -16.79
CA LEU B 180 -10.10 -9.94 -16.25
C LEU B 180 -11.37 -9.21 -16.68
N LYS B 181 -11.35 -7.88 -16.58
CA LYS B 181 -12.48 -7.05 -16.97
C LYS B 181 -12.83 -7.29 -18.43
N GLY B 182 -11.79 -7.43 -19.25
CA GLY B 182 -11.96 -7.70 -20.66
C GLY B 182 -12.62 -9.03 -20.93
N TYR B 183 -12.24 -10.07 -20.20
CA TYR B 183 -12.89 -11.37 -20.39
C TYR B 183 -14.35 -11.23 -20.04
N LEU B 184 -14.62 -10.64 -18.89
CA LEU B 184 -15.99 -10.44 -18.44
C LEU B 184 -16.83 -9.60 -19.40
N ASP B 185 -16.20 -8.63 -20.07
CA ASP B 185 -16.91 -7.80 -21.04
C ASP B 185 -17.50 -8.64 -22.17
N ALA B 186 -16.87 -9.78 -22.45
CA ALA B 186 -17.34 -10.63 -23.54
C ALA B 186 -18.74 -11.16 -23.26
N ASN B 187 -19.14 -11.15 -21.99
CA ASN B 187 -20.47 -11.61 -21.60
C ASN B 187 -21.57 -10.63 -22.00
N GLY B 188 -21.19 -9.38 -22.25
CA GLY B 188 -22.14 -8.33 -22.58
C GLY B 188 -22.59 -7.57 -21.34
N LYS B 189 -23.13 -6.38 -21.56
CA LYS B 189 -23.66 -5.57 -20.47
C LYS B 189 -24.68 -6.33 -19.65
N GLY B 190 -24.61 -6.19 -18.33
CA GLY B 190 -25.56 -6.84 -17.45
C GLY B 190 -25.19 -8.28 -17.14
N ASN B 191 -24.11 -8.76 -17.77
CA ASN B 191 -23.65 -10.12 -17.51
C ASN B 191 -22.17 -10.16 -17.22
N ASP B 192 -21.61 -9.00 -16.87
CA ASP B 192 -20.16 -8.89 -16.81
C ASP B 192 -19.61 -8.88 -15.38
N LEU B 193 -20.40 -9.36 -14.42
CA LEU B 193 -19.92 -9.44 -13.03
C LEU B 193 -19.78 -10.89 -12.53
N LEU B 194 -20.15 -11.85 -13.36
CA LEU B 194 -19.88 -13.26 -13.06
C LEU B 194 -19.38 -13.92 -14.34
N LEU B 195 -18.45 -14.85 -14.20
CA LEU B 195 -17.83 -15.49 -15.38
C LEU B 195 -18.88 -16.08 -16.31
N MSE B 196 -19.94 -16.65 -15.75
CA MSE B 196 -21.00 -17.20 -16.62
C MSE B 196 -22.23 -16.32 -16.77
O MSE B 196 -23.27 -16.79 -17.21
CB MSE B 196 -21.37 -18.61 -16.18
CG MSE B 196 -20.14 -19.49 -16.09
SE MSE B 196 -20.62 -21.36 -15.84
CE MSE B 196 -21.37 -21.73 -17.60
N GLY B 197 -22.10 -15.04 -16.44
CA GLY B 197 -23.22 -14.13 -16.62
C GLY B 197 -24.11 -14.04 -15.39
N ALA B 198 -24.99 -13.04 -15.39
CA ALA B 198 -25.78 -12.70 -14.21
C ALA B 198 -26.64 -13.85 -13.71
N GLN B 199 -27.07 -14.73 -14.62
CA GLN B 199 -27.94 -15.82 -14.24
C GLN B 199 -27.20 -17.15 -14.11
N GLY B 200 -25.89 -17.13 -14.31
CA GLY B 200 -25.09 -18.34 -14.38
C GLY B 200 -24.61 -18.87 -13.05
N GLY B 201 -24.77 -18.08 -11.99
CA GLY B 201 -24.36 -18.49 -10.66
C GLY B 201 -22.85 -18.40 -10.50
N ILE B 202 -22.40 -18.53 -9.25
CA ILE B 202 -21.00 -18.44 -8.90
C ILE B 202 -20.27 -19.73 -9.23
N THR B 203 -19.13 -19.62 -9.93
CA THR B 203 -18.31 -20.81 -10.22
C THR B 203 -17.11 -20.83 -9.30
N TYR B 204 -16.38 -21.94 -9.28
CA TYR B 204 -15.12 -21.98 -8.56
C TYR B 204 -14.15 -20.90 -9.05
N SER B 205 -14.16 -20.64 -10.36
CA SER B 205 -13.30 -19.62 -10.92
C SER B 205 -13.65 -18.22 -10.38
N ASP B 206 -14.93 -17.93 -10.22
CA ASP B 206 -15.36 -16.68 -9.59
C ASP B 206 -14.82 -16.61 -8.16
N ILE B 207 -14.92 -17.72 -7.45
CA ILE B 207 -14.39 -17.80 -6.09
C ILE B 207 -12.89 -17.56 -6.04
N GLN B 208 -12.19 -18.03 -7.07
CA GLN B 208 -10.74 -17.83 -7.13
C GLN B 208 -10.42 -16.34 -7.09
N ILE B 209 -11.16 -15.55 -7.87
CA ILE B 209 -10.93 -14.10 -7.90
C ILE B 209 -11.29 -13.46 -6.58
N ALA B 210 -12.48 -13.80 -6.06
CA ALA B 210 -12.93 -13.30 -4.77
C ALA B 210 -11.94 -13.57 -3.66
N SER B 211 -11.31 -14.74 -3.71
CA SER B 211 -10.37 -15.11 -2.65
C SER B 211 -9.16 -14.17 -2.60
N PHE B 212 -8.73 -13.62 -3.75
CA PHE B 212 -7.65 -12.65 -3.72
C PHE B 212 -8.14 -11.38 -3.03
N PHE B 213 -9.40 -11.01 -3.26
CA PHE B 213 -9.94 -9.79 -2.66
C PHE B 213 -10.10 -9.91 -1.15
N VAL B 214 -10.65 -11.02 -0.67
CA VAL B 214 -10.89 -11.15 0.77
C VAL B 214 -9.58 -11.22 1.54
N TRP B 215 -8.58 -11.84 0.93
CA TRP B 215 -7.21 -11.90 1.44
C TRP B 215 -6.68 -10.49 1.70
N ALA B 216 -6.75 -9.64 0.67
CA ALA B 216 -6.24 -8.28 0.77
C ALA B 216 -7.04 -7.46 1.78
N LYS B 217 -8.36 -7.58 1.73
CA LYS B 217 -9.22 -6.85 2.67
C LYS B 217 -8.88 -7.18 4.12
N ILE B 218 -8.71 -8.47 4.42
CA ILE B 218 -8.44 -8.90 5.79
C ILE B 218 -7.04 -8.53 6.24
N ILE B 219 -6.08 -8.68 5.35
CA ILE B 219 -4.69 -8.39 5.68
C ILE B 219 -4.47 -6.88 5.85
N TRP B 220 -5.04 -6.09 4.94
CA TRP B 220 -4.86 -4.64 4.96
C TRP B 220 -5.83 -3.98 5.92
N GLY B 221 -7.01 -4.55 6.06
CA GLY B 221 -8.07 -3.93 6.86
C GLY B 221 -9.09 -3.24 5.97
N GLU B 222 -10.37 -3.46 6.25
CA GLU B 222 -11.44 -2.95 5.40
C GLU B 222 -11.55 -1.42 5.40
N GLY B 223 -10.95 -0.77 6.41
CA GLY B 223 -10.97 0.68 6.47
C GLY B 223 -9.69 1.31 5.96
N SER B 224 -8.80 0.49 5.44
CA SER B 224 -7.46 0.95 5.07
C SER B 224 -7.44 1.65 3.73
N GLU B 225 -6.43 2.50 3.54
CA GLU B 225 -6.26 3.22 2.28
C GLU B 225 -5.94 2.25 1.15
N LYS B 226 -5.12 1.24 1.45
CA LYS B 226 -4.79 0.22 0.45
C LYS B 226 -6.01 -0.57 -0.05
N TRP B 227 -6.88 -0.99 0.85
CA TRP B 227 -8.08 -1.69 0.43
C TRP B 227 -8.96 -0.77 -0.41
N LYS B 228 -9.14 0.47 0.02
CA LYS B 228 -9.93 1.44 -0.74
C LYS B 228 -9.38 1.62 -2.15
N ARG B 229 -8.05 1.65 -2.25
CA ARG B 229 -7.38 1.81 -3.54
C ARG B 229 -7.67 0.64 -4.48
N LEU B 230 -7.51 -0.57 -3.97
CA LEU B 230 -7.79 -1.77 -4.75
C LEU B 230 -9.23 -1.80 -5.23
N ILE B 231 -10.16 -1.63 -4.30
CA ILE B 231 -11.58 -1.83 -4.57
C ILE B 231 -12.20 -0.67 -5.38
N SER B 232 -11.45 0.40 -5.57
CA SER B 232 -11.93 1.54 -6.36
C SER B 232 -11.51 1.49 -7.83
N LEU B 233 -10.63 0.54 -8.15
CA LEU B 233 -10.11 0.40 -9.52
C LEU B 233 -11.23 0.16 -10.53
N HIS B 234 -11.06 0.66 -11.75
CA HIS B 234 -12.04 0.46 -12.82
C HIS B 234 -13.46 0.89 -12.45
N ASP B 235 -13.58 2.12 -11.95
CA ASP B 235 -14.88 2.77 -11.72
C ASP B 235 -15.77 2.00 -10.77
N GLY B 236 -15.17 1.28 -9.83
CA GLY B 236 -15.94 0.55 -8.83
C GLY B 236 -16.43 -0.82 -9.30
N LYS B 237 -15.89 -1.30 -10.42
CA LYS B 237 -16.30 -2.62 -10.92
C LYS B 237 -16.06 -3.73 -9.89
N TRP B 238 -14.88 -3.70 -9.26
CA TRP B 238 -14.50 -4.79 -8.37
C TRP B 238 -15.24 -4.73 -7.04
N ALA B 239 -15.61 -3.52 -6.62
CA ALA B 239 -16.45 -3.37 -5.44
C ALA B 239 -17.77 -4.08 -5.70
N GLN B 240 -18.30 -3.90 -6.91
CA GLN B 240 -19.55 -4.55 -7.29
C GLN B 240 -19.37 -6.06 -7.43
N PHE B 241 -18.23 -6.48 -7.97
CA PHE B 241 -17.97 -7.89 -8.14
C PHE B 241 -17.86 -8.55 -6.77
N TYR B 242 -17.07 -7.93 -5.91
CA TYR B 242 -16.76 -8.50 -4.62
C TYR B 242 -17.97 -8.49 -3.68
N ALA B 243 -18.88 -7.54 -3.92
CA ALA B 243 -20.11 -7.43 -3.13
C ALA B 243 -20.96 -8.69 -3.19
N GLN B 244 -20.80 -9.45 -4.26
CA GLN B 244 -21.57 -10.67 -4.46
C GLN B 244 -21.18 -11.78 -3.48
N PHE B 245 -20.06 -11.60 -2.80
CA PHE B 245 -19.56 -12.65 -1.92
C PHE B 245 -19.77 -12.35 -0.42
N THR B 246 -20.40 -11.22 -0.13
CA THR B 246 -20.52 -10.74 1.25
C THR B 246 -21.25 -11.71 2.16
N LYS B 247 -22.20 -12.44 1.62
CA LYS B 247 -23.03 -13.32 2.44
C LYS B 247 -22.41 -14.71 2.60
N PHE B 248 -21.19 -14.88 2.09
CA PHE B 248 -20.51 -16.18 2.16
C PHE B 248 -19.19 -16.11 2.90
N GLU B 249 -19.06 -15.14 3.79
CA GLU B 249 -17.83 -14.96 4.54
C GLU B 249 -17.97 -15.30 6.03
N GLN B 250 -18.80 -16.29 6.32
CA GLN B 250 -18.94 -16.78 7.69
C GLN B 250 -17.64 -17.39 8.22
N VAL B 251 -17.27 -17.00 9.44
CA VAL B 251 -16.10 -17.56 10.09
C VAL B 251 -16.48 -18.22 11.42
N ALA C 2 -11.79 -0.33 44.43
CA ALA C 2 -10.34 -0.23 44.31
C ALA C 2 -9.74 0.30 45.61
N GLN C 3 -8.58 -0.25 45.98
CA GLN C 3 -7.84 0.26 47.13
C GLN C 3 -7.02 1.47 46.73
N PRO C 4 -6.66 2.31 47.72
CA PRO C 4 -5.86 3.51 47.47
C PRO C 4 -4.53 3.18 46.80
N ILE C 5 -4.18 3.93 45.76
CA ILE C 5 -2.86 3.84 45.15
C ILE C 5 -1.87 4.54 46.09
N VAL C 6 -0.66 4.00 46.22
CA VAL C 6 0.33 4.65 47.07
C VAL C 6 1.26 5.55 46.26
N PHE C 7 1.26 6.83 46.60
CA PHE C 7 1.93 7.86 45.79
C PHE C 7 3.13 8.43 46.55
N TYR C 8 4.32 8.23 45.99
CA TYR C 8 5.57 8.70 46.61
C TYR C 8 5.98 10.09 46.12
N ASP C 9 6.07 11.02 47.06
CA ASP C 9 6.28 12.45 46.79
C ASP C 9 7.39 12.98 47.71
N ILE C 10 7.77 14.24 47.53
CA ILE C 10 8.89 14.84 48.28
C ILE C 10 8.43 15.94 49.23
N PRO C 11 8.77 15.82 50.53
CA PRO C 11 8.28 16.75 51.56
C PRO C 11 8.93 18.12 51.44
N SER C 12 8.36 19.09 52.15
CA SER C 12 8.96 20.42 52.24
C SER C 12 8.82 20.96 53.67
N ASN C 13 9.48 22.07 53.95
CA ASN C 13 9.46 22.65 55.29
C ASN C 13 8.38 23.72 55.45
N GLU C 14 8.56 24.57 56.46
CA GLU C 14 7.51 25.52 56.84
C GLU C 14 7.54 26.79 56.00
N ARG C 15 8.59 26.97 55.20
CA ARG C 15 8.69 28.13 54.32
C ARG C 15 7.50 28.17 53.37
N ILE C 16 7.12 26.99 52.87
CA ILE C 16 5.94 26.85 52.05
C ILE C 16 4.91 25.99 52.77
N LYS C 17 5.02 25.97 54.10
CA LYS C 17 4.10 25.24 54.97
C LYS C 17 3.87 23.79 54.58
N HIS C 18 4.96 23.10 54.29
CA HIS C 18 4.95 21.65 54.04
C HIS C 18 4.19 21.21 52.79
N SER C 19 3.88 22.15 51.89
CA SER C 19 3.16 21.81 50.66
C SER C 19 4.01 20.95 49.72
N PRO C 20 3.35 20.02 48.98
CA PRO C 20 4.06 19.35 47.88
C PRO C 20 4.46 20.43 46.89
N TRP C 21 5.56 20.23 46.17
CA TRP C 21 6.13 21.34 45.39
C TRP C 21 6.70 20.87 44.05
N SER C 22 7.17 19.63 43.98
CA SER C 22 7.92 19.16 42.83
C SER C 22 7.11 19.16 41.54
N PRO C 23 7.71 19.68 40.46
CA PRO C 23 7.01 19.72 39.17
C PRO C 23 6.77 18.31 38.62
N ASN C 24 7.70 17.39 38.85
CA ASN C 24 7.53 16.04 38.35
C ASN C 24 6.48 15.23 39.13
N THR C 25 6.48 15.36 40.45
CA THR C 25 5.47 14.65 41.22
C THR C 25 4.11 15.30 41.05
N TRP C 26 4.08 16.63 40.90
CA TRP C 26 2.81 17.31 40.64
C TRP C 26 2.13 16.82 39.35
N LYS C 27 2.91 16.36 38.37
CA LYS C 27 2.30 15.81 37.17
C LYS C 27 1.41 14.60 37.51
N ILE C 28 1.86 13.78 38.46
CA ILE C 28 1.12 12.58 38.83
C ILE C 28 0.06 12.85 39.90
N ARG C 29 0.31 13.82 40.77
CA ARG C 29 -0.73 14.27 41.69
C ARG C 29 -1.90 14.85 40.90
N TYR C 30 -1.59 15.67 39.90
CA TYR C 30 -2.60 16.20 39.01
C TYR C 30 -3.34 15.06 38.32
N ALA C 31 -2.59 14.08 37.82
CA ALA C 31 -3.19 12.93 37.13
C ALA C 31 -4.19 12.22 38.03
N LEU C 32 -3.76 11.91 39.25
CA LEU C 32 -4.62 11.22 40.21
C LEU C 32 -5.83 12.03 40.64
N ASN C 33 -5.63 13.32 40.93
CA ASN C 33 -6.74 14.19 41.31
C ASN C 33 -7.73 14.36 40.17
N TYR C 34 -7.21 14.47 38.95
CA TYR C 34 -8.05 14.67 37.78
C TYR C 34 -8.87 13.43 37.47
N LYS C 35 -8.26 12.27 37.66
CA LYS C 35 -8.94 11.00 37.41
C LYS C 35 -9.86 10.60 38.58
N GLY C 36 -9.72 11.31 39.70
CA GLY C 36 -10.53 11.04 40.88
C GLY C 36 -10.22 9.70 41.50
N LEU C 37 -8.97 9.28 41.36
CA LEU C 37 -8.49 8.03 41.94
C LEU C 37 -8.05 8.27 43.37
N LYS C 38 -8.35 7.31 44.25
CA LYS C 38 -7.99 7.44 45.65
C LYS C 38 -6.53 7.09 45.83
N TYR C 39 -5.83 7.92 46.58
CA TYR C 39 -4.41 7.67 46.82
C TYR C 39 -3.99 8.17 48.19
N LYS C 40 -2.89 7.63 48.69
CA LYS C 40 -2.30 8.16 49.91
C LYS C 40 -0.84 8.48 49.61
N THR C 41 -0.37 9.60 50.14
CA THR C 41 0.98 10.05 49.85
C THR C 41 1.99 9.55 50.87
N GLU C 42 2.98 8.79 50.41
CA GLU C 42 4.15 8.45 51.22
C GLU C 42 5.25 9.47 50.94
N TRP C 43 5.77 10.11 51.99
CA TRP C 43 6.75 11.17 51.82
C TRP C 43 8.18 10.69 51.92
N VAL C 44 8.95 10.88 50.84
CA VAL C 44 10.34 10.44 50.80
C VAL C 44 11.32 11.60 50.59
N GLU C 45 12.37 11.65 51.41
CA GLU C 45 13.41 12.67 51.26
C GLU C 45 14.34 12.31 50.10
N TYR C 46 14.87 13.34 49.45
CA TYR C 46 15.78 13.17 48.31
C TYR C 46 16.77 11.99 48.45
N PRO C 47 17.63 11.98 49.50
CA PRO C 47 18.63 10.92 49.59
C PRO C 47 18.04 9.52 49.79
N ASP C 48 16.85 9.46 50.37
CA ASP C 48 16.20 8.20 50.70
C ASP C 48 15.44 7.62 49.51
N ILE C 49 15.25 8.44 48.48
CA ILE C 49 14.52 8.04 47.28
C ILE C 49 15.04 6.73 46.67
N ALA C 50 16.35 6.65 46.42
CA ALA C 50 16.92 5.46 45.80
C ALA C 50 16.69 4.21 46.64
N GLY C 51 16.68 4.39 47.95
CA GLY C 51 16.47 3.28 48.88
C GLY C 51 15.06 2.73 48.79
N VAL C 52 14.09 3.61 48.98
CA VAL C 52 12.68 3.26 48.93
C VAL C 52 12.33 2.50 47.66
N VAL C 53 12.66 3.08 46.51
CA VAL C 53 12.26 2.55 45.21
C VAL C 53 12.83 1.16 44.95
N GLN C 54 14.08 0.95 45.35
CA GLN C 54 14.71 -0.36 45.18
C GLN C 54 14.01 -1.41 46.03
N LYS C 55 13.58 -1.01 47.22
CA LYS C 55 12.91 -1.92 48.15
C LYS C 55 11.53 -2.37 47.65
N LEU C 56 10.91 -1.56 46.79
CA LEU C 56 9.58 -1.87 46.27
C LEU C 56 9.63 -2.89 45.13
N GLY C 57 10.83 -3.12 44.60
CA GLY C 57 10.98 -3.92 43.40
C GLY C 57 10.92 -3.01 42.19
N GLY C 58 11.03 -1.70 42.45
CA GLY C 58 10.95 -0.69 41.41
C GLY C 58 12.16 -0.65 40.50
N LYS C 59 12.09 0.19 39.48
CA LYS C 59 13.17 0.33 38.51
C LYS C 59 13.70 1.76 38.47
N PRO C 60 14.95 1.93 37.97
CA PRO C 60 15.50 3.28 37.73
C PRO C 60 14.89 3.88 36.48
N THR C 61 14.96 5.19 36.34
CA THR C 61 14.35 5.86 35.20
C THR C 61 15.40 6.40 34.24
N GLU C 62 16.67 6.20 34.58
CA GLU C 62 17.77 6.80 33.83
C GLU C 62 19.11 6.16 34.15
N LYS C 63 19.95 6.04 33.14
CA LYS C 63 21.34 5.64 33.33
C LYS C 63 22.28 6.79 33.00
N THR C 64 23.52 6.46 32.67
CA THR C 64 24.55 7.46 32.43
C THR C 64 25.74 6.79 31.73
N PRO C 65 26.60 7.58 31.06
CA PRO C 65 27.81 7.03 30.45
C PRO C 65 28.78 6.39 31.45
N ASP C 66 28.50 6.56 32.74
CA ASP C 66 29.22 5.83 33.77
C ASP C 66 28.61 4.44 33.92
N GLY C 67 27.36 4.31 33.49
CA GLY C 67 26.63 3.06 33.62
C GLY C 67 25.86 3.02 34.93
N ARG C 68 25.76 4.17 35.58
CA ARG C 68 25.10 4.24 36.88
C ARG C 68 23.59 4.44 36.79
N ASP C 69 22.85 3.71 37.62
CA ASP C 69 21.41 3.86 37.67
C ASP C 69 21.02 5.10 38.43
N HIS C 70 19.88 5.69 38.07
CA HIS C 70 19.37 6.86 38.75
C HIS C 70 17.88 6.69 39.05
N TYR C 71 17.48 7.03 40.27
CA TYR C 71 16.12 6.81 40.74
C TYR C 71 15.39 8.12 40.99
N THR C 72 14.15 8.19 40.54
CA THR C 72 13.35 9.40 40.69
C THR C 72 11.97 9.12 41.26
N LEU C 73 11.43 10.14 41.91
CA LEU C 73 9.99 10.24 42.15
C LEU C 73 9.42 11.08 41.00
N PRO C 74 8.16 10.86 40.62
CA PRO C 74 7.15 10.05 41.30
C PRO C 74 7.28 8.56 40.99
N VAL C 75 6.79 7.76 41.93
CA VAL C 75 6.63 6.33 41.75
C VAL C 75 5.27 6.04 42.40
N ILE C 76 4.54 5.05 41.88
CA ILE C 76 3.34 4.62 42.56
C ILE C 76 3.40 3.13 42.79
N TYR C 77 2.72 2.67 43.85
CA TYR C 77 2.45 1.25 43.98
C TYR C 77 0.94 1.05 43.97
N ASP C 78 0.48 0.18 43.08
CA ASP C 78 -0.94 -0.06 42.92
C ASP C 78 -1.31 -1.43 43.48
N PRO C 79 -1.93 -1.45 44.66
CA PRO C 79 -2.32 -2.72 45.29
C PRO C 79 -3.34 -3.48 44.46
N ASN C 80 -4.11 -2.78 43.65
CA ASN C 80 -5.14 -3.41 42.82
C ASN C 80 -4.59 -4.31 41.72
N THR C 81 -3.33 -4.08 41.33
CA THR C 81 -2.68 -4.88 40.30
C THR C 81 -1.37 -5.45 40.84
N LYS C 82 -0.99 -4.96 42.01
CA LYS C 82 0.26 -5.36 42.66
C LYS C 82 1.47 -5.04 41.82
N LYS C 83 1.40 -3.89 41.13
CA LYS C 83 2.48 -3.41 40.29
C LYS C 83 3.09 -2.12 40.83
N VAL C 84 4.40 -1.99 40.70
CA VAL C 84 5.10 -0.73 40.97
C VAL C 84 5.34 -0.08 39.62
N VAL C 85 5.09 1.23 39.54
CA VAL C 85 5.28 1.95 38.28
C VAL C 85 6.12 3.20 38.52
N GLU C 86 7.12 3.42 37.66
CA GLU C 86 7.96 4.59 37.74
C GLU C 86 7.94 5.37 36.42
N ASP C 87 8.44 6.61 36.48
CA ASP C 87 8.52 7.53 35.33
C ASP C 87 7.16 8.15 35.06
N SER C 88 7.05 9.45 35.28
CA SER C 88 5.76 10.15 35.28
C SER C 88 4.92 9.87 34.03
N ALA C 89 5.55 9.94 32.85
CA ALA C 89 4.80 9.70 31.61
C ALA C 89 4.25 8.27 31.55
N ALA C 90 5.06 7.30 31.99
CA ALA C 90 4.62 5.90 31.97
C ALA C 90 3.52 5.67 33.01
N ILE C 91 3.63 6.36 34.13
CA ILE C 91 2.64 6.23 35.20
C ILE C 91 1.31 6.76 34.72
N ALA C 92 1.34 7.88 34.01
CA ALA C 92 0.11 8.48 33.50
C ALA C 92 -0.58 7.54 32.52
N LYS C 93 0.21 6.96 31.62
CA LYS C 93 -0.30 6.01 30.63
C LYS C 93 -0.84 4.77 31.33
N TYR C 94 -0.12 4.30 32.34
CA TYR C 94 -0.57 3.17 33.14
C TYR C 94 -1.94 3.41 33.78
N LEU C 95 -2.14 4.62 34.28
CA LEU C 95 -3.43 4.97 34.88
C LEU C 95 -4.56 5.03 33.84
N ASP C 96 -4.28 5.46 32.61
CA ASP C 96 -5.27 5.38 31.54
C ASP C 96 -5.66 3.94 31.30
N GLU C 97 -4.68 3.06 31.18
CA GLU C 97 -4.99 1.68 30.76
C GLU C 97 -5.64 0.87 31.88
N THR C 98 -5.22 1.12 33.11
CA THR C 98 -5.69 0.33 34.24
C THR C 98 -7.05 0.80 34.73
N TYR C 99 -7.33 2.08 34.55
CA TYR C 99 -8.60 2.66 34.97
C TYR C 99 -9.27 3.32 33.78
N PRO C 100 -9.76 2.50 32.84
CA PRO C 100 -10.24 3.02 31.56
C PRO C 100 -11.49 3.89 31.66
N ASP C 101 -12.17 3.87 32.81
CA ASP C 101 -13.38 4.67 32.96
C ASP C 101 -13.10 6.11 33.40
N THR C 102 -11.86 6.39 33.77
CA THR C 102 -11.45 7.74 34.15
C THR C 102 -11.05 8.53 32.89
N PRO C 103 -11.05 9.87 32.98
CA PRO C 103 -10.71 10.68 31.79
C PRO C 103 -9.29 10.40 31.29
N LYS C 104 -9.15 10.23 29.98
CA LYS C 104 -7.87 9.83 29.39
C LYS C 104 -6.90 10.98 29.31
N LEU C 105 -5.68 10.77 29.77
CA LEU C 105 -4.64 11.78 29.65
C LEU C 105 -3.90 11.62 28.32
N PHE C 106 -4.01 10.44 27.73
CA PHE C 106 -3.49 10.19 26.39
C PHE C 106 -4.60 9.68 25.48
N PRO C 107 -5.43 10.61 24.98
CA PRO C 107 -6.48 10.21 24.04
C PRO C 107 -5.90 9.45 22.86
N ALA C 108 -6.69 8.52 22.31
CA ALA C 108 -6.26 7.71 21.17
C ALA C 108 -5.68 8.57 20.07
N GLY C 109 -4.60 8.11 19.46
CA GLY C 109 -3.99 8.85 18.37
C GLY C 109 -3.06 9.97 18.80
N THR C 110 -2.92 10.21 20.10
CA THR C 110 -2.09 11.35 20.53
C THR C 110 -0.75 10.99 21.14
N ASP C 111 -0.47 9.70 21.31
CA ASP C 111 0.72 9.31 22.07
C ASP C 111 2.04 9.84 21.49
N ALA C 112 2.21 9.73 20.18
CA ALA C 112 3.43 10.20 19.54
C ALA C 112 3.52 11.73 19.60
N PHE C 113 2.41 12.41 19.35
CA PHE C 113 2.40 13.88 19.42
C PHE C 113 2.74 14.37 20.82
N GLN C 114 2.24 13.68 21.84
CA GLN C 114 2.54 14.09 23.20
C GLN C 114 4.00 13.79 23.55
N ALA C 115 4.52 12.66 23.06
CA ALA C 115 5.92 12.34 23.31
C ALA C 115 6.83 13.44 22.76
N ALA C 116 6.48 13.96 21.58
CA ALA C 116 7.28 15.02 20.97
C ALA C 116 7.12 16.34 21.73
N PHE C 117 5.92 16.60 22.22
CA PHE C 117 5.68 17.84 22.95
C PHE C 117 6.46 17.81 24.25
N LEU C 118 6.51 16.63 24.87
CA LEU C 118 7.22 16.49 26.15
C LEU C 118 8.73 16.74 26.00
N ASP C 119 9.26 16.58 24.79
CA ASP C 119 10.65 16.95 24.48
C ASP C 119 10.81 18.46 24.32
N PHE C 120 9.71 19.17 24.08
CA PHE C 120 9.77 20.63 24.02
C PHE C 120 9.72 21.20 25.41
N ALA C 121 8.78 20.70 26.22
CA ALA C 121 8.38 21.34 27.46
C ALA C 121 9.51 21.56 28.48
N TRP C 122 10.23 20.51 28.85
CA TRP C 122 11.35 20.66 29.79
C TRP C 122 12.51 21.51 29.25
N PRO C 123 13.04 21.16 28.07
CA PRO C 123 14.22 21.88 27.56
C PRO C 123 13.97 23.36 27.32
N VAL C 124 12.77 23.70 26.86
CA VAL C 124 12.53 25.07 26.45
C VAL C 124 11.89 25.91 27.54
N LEU C 125 10.94 25.32 28.26
CA LEU C 125 10.22 26.08 29.26
C LEU C 125 10.64 25.70 30.67
N GLY C 126 10.77 24.40 30.92
CA GLY C 126 10.98 23.91 32.27
C GLY C 126 12.32 24.33 32.86
N PHE C 127 13.37 24.25 32.06
CA PHE C 127 14.71 24.61 32.52
C PHE C 127 14.87 26.07 32.94
N PRO C 128 14.43 27.03 32.10
CA PRO C 128 14.53 28.42 32.55
C PRO C 128 13.69 28.68 33.79
N VAL C 129 12.51 28.06 33.90
CA VAL C 129 11.73 28.21 35.10
C VAL C 129 12.53 27.68 36.30
N PHE C 130 13.14 26.52 36.11
CA PHE C 130 13.95 25.87 37.13
C PHE C 130 15.01 26.83 37.69
N MSE C 131 15.69 27.54 36.79
CA MSE C 131 16.75 28.46 37.19
C MSE C 131 16.21 29.60 38.05
O MSE C 131 16.89 30.11 38.92
CB MSE C 131 17.47 29.01 35.95
CG MSE C 131 18.11 27.95 35.07
SE MSE C 131 19.49 26.90 35.98
CE MSE C 131 18.39 25.42 36.65
N LEU C 132 14.96 30.00 37.79
CA LEU C 132 14.34 31.08 38.54
C LEU C 132 13.78 30.62 39.91
N VAL C 133 13.68 29.32 40.12
CA VAL C 133 13.08 28.82 41.37
C VAL C 133 13.99 27.88 42.15
N ILE C 134 15.11 27.49 41.56
CA ILE C 134 15.95 26.47 42.16
C ILE C 134 16.48 26.86 43.56
N LEU C 135 16.85 28.13 43.74
CA LEU C 135 17.32 28.59 45.05
C LEU C 135 16.20 28.49 46.10
N ASP C 136 15.08 29.16 45.87
CA ASP C 136 13.97 29.12 46.79
C ASP C 136 13.45 27.69 47.03
N THR C 137 13.61 26.84 46.00
CA THR C 137 13.31 25.42 46.14
C THR C 137 14.20 24.78 47.19
N ALA C 138 15.50 25.06 47.11
CA ALA C 138 16.47 24.54 48.08
C ALA C 138 16.10 24.96 49.51
N ASN C 139 15.77 26.23 49.68
CA ASN C 139 15.38 26.78 50.98
C ASN C 139 13.97 26.35 51.42
N SER C 140 13.33 25.51 50.61
CA SER C 140 12.01 24.98 50.91
C SER C 140 12.10 23.49 51.30
N LEU C 141 13.31 22.95 51.28
CA LEU C 141 13.52 21.54 51.60
C LEU C 141 13.82 21.29 53.08
N LEU C 142 13.66 20.04 53.50
CA LEU C 142 14.08 19.61 54.83
C LEU C 142 15.59 19.42 54.77
N PRO C 143 16.29 19.81 55.86
CA PRO C 143 17.75 19.91 55.94
C PRO C 143 18.52 18.81 55.21
N ARG C 144 18.15 17.55 55.41
CA ARG C 144 18.80 16.45 54.71
C ARG C 144 18.61 16.56 53.20
N SER C 145 17.42 16.96 52.77
CA SER C 145 17.15 17.12 51.34
C SER C 145 17.81 18.39 50.79
N HIS C 146 17.77 19.47 51.57
CA HIS C 146 18.46 20.70 51.21
C HIS C 146 19.93 20.42 50.95
N ASP C 147 20.49 19.54 51.77
CA ASP C 147 21.88 19.12 51.66
C ASP C 147 22.12 18.44 50.32
N TYR C 148 21.34 17.40 50.05
CA TYR C 148 21.52 16.56 48.86
C TYR C 148 21.22 17.34 47.58
N PHE C 149 20.24 18.24 47.67
CA PHE C 149 19.77 19.00 46.52
C PHE C 149 20.83 19.98 46.04
N ARG C 150 21.18 20.93 46.91
CA ARG C 150 22.18 21.94 46.61
C ARG C 150 23.47 21.32 46.12
N SER C 151 23.90 20.25 46.78
CA SER C 151 25.09 19.53 46.37
C SER C 151 24.99 18.99 44.94
N THR C 152 23.96 18.20 44.69
CA THR C 152 23.80 17.53 43.41
C THR C 152 23.52 18.51 42.26
N ARG C 153 22.79 19.58 42.56
CA ARG C 153 22.40 20.55 41.54
C ARG C 153 23.51 21.55 41.21
N GLU C 154 24.27 21.97 42.23
CA GLU C 154 25.41 22.88 42.00
C GLU C 154 26.49 22.18 41.18
N GLN C 155 26.64 20.87 41.38
CA GLN C 155 27.54 20.07 40.56
C GLN C 155 27.06 20.08 39.12
N LYS C 156 25.77 19.84 38.94
CA LYS C 156 25.18 19.71 37.62
C LYS C 156 25.21 21.01 36.82
N PHE C 157 24.76 22.10 37.42
CA PHE C 157 24.63 23.37 36.71
C PHE C 157 25.92 24.22 36.74
N GLY C 158 26.91 23.79 37.53
CA GLY C 158 28.23 24.41 37.51
C GLY C 158 28.41 25.71 38.24
N LYS C 159 27.45 26.09 39.09
CA LYS C 159 27.51 27.35 39.82
C LYS C 159 26.82 27.22 41.17
N LYS C 160 26.96 28.25 42.00
CA LYS C 160 26.14 28.32 43.21
C LYS C 160 24.72 28.69 42.81
N LEU C 161 23.74 28.11 43.49
CA LEU C 161 22.33 28.31 43.19
C LEU C 161 21.97 29.80 43.18
N GLU C 162 22.65 30.57 44.02
CA GLU C 162 22.42 32.01 44.12
C GLU C 162 22.66 32.72 42.79
N GLU C 163 23.49 32.12 41.94
CA GLU C 163 23.83 32.74 40.67
C GLU C 163 22.92 32.30 39.51
N LEU C 164 22.03 31.35 39.77
CA LEU C 164 21.28 30.72 38.69
C LEU C 164 20.10 31.54 38.16
N ALA C 165 19.42 32.27 39.05
CA ALA C 165 18.33 33.13 38.60
C ALA C 165 18.86 34.45 38.05
N THR C 166 18.60 34.71 36.77
CA THR C 166 19.07 35.92 36.09
C THR C 166 17.97 36.47 35.19
N GLU C 167 18.17 37.70 34.72
CA GLU C 167 17.21 38.31 33.80
C GLU C 167 17.19 37.57 32.47
N GLU C 168 18.30 36.91 32.14
CA GLU C 168 18.35 36.11 30.92
C GLU C 168 17.36 34.96 31.00
N GLU C 169 17.26 34.35 32.18
CA GLU C 169 16.36 33.22 32.37
C GLU C 169 14.93 33.68 32.30
N TRP C 170 14.66 34.89 32.79
CA TRP C 170 13.33 35.48 32.69
C TRP C 170 12.97 35.67 31.22
N ALA C 171 13.93 36.14 30.43
CA ALA C 171 13.70 36.31 29.01
C ALA C 171 13.46 34.96 28.32
N LYS C 172 14.22 33.94 28.74
CA LYS C 172 14.06 32.60 28.18
C LYS C 172 12.71 31.98 28.54
N VAL C 173 12.25 32.23 29.76
CA VAL C 173 10.92 31.79 30.18
C VAL C 173 9.86 32.39 29.29
N GLU C 174 9.92 33.71 29.12
CA GLU C 174 8.95 34.41 28.30
C GLU C 174 8.99 33.95 26.84
N ALA C 175 10.19 33.65 26.33
CA ALA C 175 10.32 33.22 24.95
C ALA C 175 9.73 31.81 24.78
N GLY C 176 9.96 30.98 25.79
CA GLY C 176 9.43 29.62 25.79
C GLY C 176 7.93 29.65 25.85
N LEU C 177 7.39 30.54 26.68
CA LEU C 177 5.93 30.73 26.74
C LEU C 177 5.38 31.31 25.45
N ALA C 178 6.15 32.18 24.81
CA ALA C 178 5.72 32.75 23.53
C ALA C 178 5.61 31.63 22.49
N LYS C 179 6.54 30.69 22.51
CA LYS C 179 6.44 29.57 21.60
C LYS C 179 5.19 28.76 21.88
N LEU C 180 4.94 28.49 23.15
CA LEU C 180 3.77 27.69 23.56
C LEU C 180 2.48 28.41 23.20
N LYS C 181 2.46 29.73 23.42
CA LYS C 181 1.31 30.54 23.01
C LYS C 181 1.08 30.40 21.51
N GLY C 182 2.17 30.35 20.75
CA GLY C 182 2.09 30.19 19.32
C GLY C 182 1.47 28.86 18.92
N TYR C 183 1.83 27.79 19.63
CA TYR C 183 1.25 26.48 19.32
C TYR C 183 -0.23 26.49 19.64
N LEU C 184 -0.58 27.01 20.81
CA LEU C 184 -1.97 27.07 21.23
C LEU C 184 -2.82 27.92 20.29
N ASP C 185 -2.23 28.98 19.76
CA ASP C 185 -2.93 29.85 18.80
C ASP C 185 -3.37 29.09 17.56
N ALA C 186 -2.65 28.02 17.21
CA ALA C 186 -3.00 27.25 16.03
C ALA C 186 -4.36 26.59 16.20
N ASN C 187 -4.80 26.44 17.44
CA ASN C 187 -6.14 25.89 17.72
C ASN C 187 -7.26 26.85 17.37
N GLY C 188 -6.94 28.14 17.27
CA GLY C 188 -7.94 29.14 16.97
C GLY C 188 -8.52 29.74 18.24
N LYS C 189 -9.09 30.93 18.11
CA LYS C 189 -9.70 31.62 19.25
C LYS C 189 -10.78 30.77 19.90
N GLY C 190 -10.80 30.77 21.23
CA GLY C 190 -11.78 30.00 21.97
C GLY C 190 -11.28 28.59 22.24
N ASN C 191 -10.24 28.18 21.53
CA ASN C 191 -9.67 26.86 21.73
C ASN C 191 -8.19 26.92 22.11
N ASP C 192 -7.71 28.10 22.49
CA ASP C 192 -6.28 28.32 22.69
C ASP C 192 -5.80 28.23 24.15
N LEU C 193 -6.57 27.58 25.01
CA LEU C 193 -6.18 27.45 26.42
C LEU C 193 -5.95 26.01 26.87
N LEU C 194 -6.20 25.05 25.98
CA LEU C 194 -5.81 23.66 26.21
C LEU C 194 -5.25 23.12 24.90
N LEU C 195 -4.31 22.20 24.96
CA LEU C 195 -3.65 21.73 23.74
C LEU C 195 -4.62 21.17 22.72
N MSE C 196 -5.65 20.47 23.17
CA MSE C 196 -6.64 19.95 22.21
C MSE C 196 -7.96 20.72 22.17
O MSE C 196 -8.99 20.21 21.71
CB MSE C 196 -6.92 18.48 22.48
CG MSE C 196 -5.65 17.66 22.53
SE MSE C 196 -6.08 15.75 22.59
CE MSE C 196 -6.60 15.52 20.74
N GLY C 197 -7.92 21.96 22.64
CA GLY C 197 -9.06 22.85 22.50
C GLY C 197 -9.96 22.82 23.71
N ALA C 198 -10.94 23.73 23.74
CA ALA C 198 -11.76 23.94 24.94
C ALA C 198 -12.55 22.70 25.35
N GLN C 199 -12.98 21.93 24.35
CA GLN C 199 -13.77 20.73 24.62
C GLN C 199 -12.94 19.45 24.53
N GLY C 200 -11.62 19.59 24.48
CA GLY C 200 -10.76 18.45 24.22
C GLY C 200 -10.33 17.75 25.48
N GLY C 201 -10.58 18.39 26.63
CA GLY C 201 -10.19 17.82 27.90
C GLY C 201 -8.73 18.12 28.20
N ILE C 202 -8.34 17.89 29.44
CA ILE C 202 -6.95 18.05 29.84
C ILE C 202 -6.14 16.82 29.45
N THR C 203 -5.00 17.06 28.79
CA THR C 203 -4.08 15.98 28.47
C THR C 203 -2.89 15.96 29.40
N TYR C 204 -2.13 14.87 29.36
CA TYR C 204 -0.90 14.78 30.10
C TYR C 204 -0.01 15.97 29.79
N SER C 205 0.03 16.35 28.51
CA SER C 205 0.84 17.48 28.07
C SER C 205 0.41 18.82 28.70
N ASP C 206 -0.89 19.06 28.83
CA ASP C 206 -1.37 20.26 29.51
C ASP C 206 -0.89 20.22 30.95
N ILE C 207 -0.95 19.04 31.55
CA ILE C 207 -0.55 18.86 32.94
C ILE C 207 0.93 19.13 33.11
N GLN C 208 1.72 18.69 32.14
CA GLN C 208 3.15 19.02 32.13
C GLN C 208 3.38 20.53 32.27
N ILE C 209 2.65 21.33 31.48
CA ILE C 209 2.79 22.77 31.56
C ILE C 209 2.28 23.33 32.89
N ALA C 210 1.12 22.87 33.32
CA ALA C 210 0.57 23.29 34.60
C ALA C 210 1.55 23.07 35.75
N SER C 211 2.28 21.96 35.68
CA SER C 211 3.17 21.57 36.78
C SER C 211 4.29 22.57 36.99
N PHE C 212 4.69 23.25 35.92
CA PHE C 212 5.71 24.29 36.03
C PHE C 212 5.15 25.50 36.78
N PHE C 213 3.87 25.77 36.58
CA PHE C 213 3.22 26.92 37.18
C PHE C 213 2.92 26.71 38.64
N VAL C 214 2.41 25.53 38.99
CA VAL C 214 2.09 25.25 40.39
C VAL C 214 3.39 25.23 41.21
N TRP C 215 4.45 24.73 40.57
CA TRP C 215 5.80 24.74 41.14
C TRP C 215 6.21 26.15 41.49
N ALA C 216 6.16 27.05 40.51
CA ALA C 216 6.58 28.43 40.72
C ALA C 216 5.70 29.15 41.73
N LYS C 217 4.40 28.90 41.65
CA LYS C 217 3.42 29.50 42.58
C LYS C 217 3.70 29.11 44.02
N ILE C 218 3.88 27.80 44.24
CA ILE C 218 4.09 27.28 45.58
C ILE C 218 5.42 27.75 46.17
N ILE C 219 6.48 27.67 45.36
CA ILE C 219 7.82 28.05 45.80
C ILE C 219 8.02 29.57 46.01
N TRP C 220 7.55 30.39 45.07
CA TRP C 220 7.67 31.82 45.24
C TRP C 220 6.62 32.35 46.21
N GLY C 221 5.41 31.80 46.14
CA GLY C 221 4.30 32.27 46.93
C GLY C 221 3.30 32.98 46.06
N GLU C 222 2.02 32.73 46.30
CA GLU C 222 0.95 33.26 45.46
C GLU C 222 0.80 34.79 45.54
N GLY C 223 1.30 35.37 46.63
CA GLY C 223 1.24 36.82 46.78
C GLY C 223 2.54 37.53 46.41
N SER C 224 3.47 36.79 45.80
CA SER C 224 4.79 37.33 45.51
C SER C 224 4.82 38.18 44.25
N GLU C 225 5.83 39.05 44.16
CA GLU C 225 6.01 39.89 42.99
C GLU C 225 6.49 39.06 41.81
N LYS C 226 7.28 38.03 42.11
CA LYS C 226 7.76 37.11 41.08
C LYS C 226 6.61 36.37 40.39
N TRP C 227 5.73 35.79 41.19
CA TRP C 227 4.59 35.05 40.67
C TRP C 227 3.68 35.94 39.81
N LYS C 228 3.44 37.16 40.30
CA LYS C 228 2.64 38.14 39.56
C LYS C 228 3.28 38.44 38.21
N ARG C 229 4.62 38.50 38.20
CA ARG C 229 5.35 38.79 36.98
C ARG C 229 5.12 37.68 35.97
N LEU C 230 5.36 36.45 36.41
CA LEU C 230 5.18 35.28 35.57
C LEU C 230 3.77 35.19 35.01
N ILE C 231 2.79 35.37 35.88
CA ILE C 231 1.39 35.12 35.53
C ILE C 231 0.77 36.24 34.69
N SER C 232 1.44 37.39 34.60
CA SER C 232 0.91 38.50 33.81
C SER C 232 1.51 38.58 32.41
N LEU C 233 2.45 37.69 32.12
CA LEU C 233 3.03 37.59 30.79
C LEU C 233 1.95 37.37 29.74
N HIS C 234 2.20 37.91 28.55
CA HIS C 234 1.31 37.79 27.40
C HIS C 234 -0.15 38.15 27.71
N ASP C 235 -0.30 39.33 28.29
CA ASP C 235 -1.61 39.90 28.56
C ASP C 235 -2.48 38.95 29.40
N GLY C 236 -1.85 38.26 30.35
CA GLY C 236 -2.57 37.45 31.30
C GLY C 236 -3.00 36.08 30.79
N LYS C 237 -2.50 35.67 29.62
CA LYS C 237 -2.88 34.36 29.07
C LYS C 237 -2.63 33.20 30.03
N TRP C 238 -1.47 33.20 30.70
CA TRP C 238 -1.12 32.07 31.55
C TRP C 238 -1.89 32.04 32.85
N ALA C 239 -2.44 33.19 33.23
CA ALA C 239 -3.35 33.22 34.36
C ALA C 239 -4.60 32.43 33.98
N GLN C 240 -5.11 32.67 32.78
CA GLN C 240 -6.30 31.99 32.29
C GLN C 240 -6.01 30.49 32.13
N PHE C 241 -4.85 30.17 31.59
CA PHE C 241 -4.49 28.77 31.39
C PHE C 241 -4.45 28.04 32.71
N TYR C 242 -3.72 28.60 33.65
CA TYR C 242 -3.45 27.93 34.92
C TYR C 242 -4.70 27.85 35.81
N ALA C 243 -5.63 28.79 35.61
CA ALA C 243 -6.88 28.80 36.36
C ALA C 243 -7.70 27.53 36.15
N GLN C 244 -7.46 26.87 35.01
CA GLN C 244 -8.15 25.62 34.69
C GLN C 244 -7.77 24.47 35.63
N PHE C 245 -6.67 24.62 36.36
CA PHE C 245 -6.13 23.50 37.14
C PHE C 245 -6.34 23.59 38.65
N THR C 246 -6.85 24.72 39.10
CA THR C 246 -6.97 24.98 40.54
C THR C 246 -7.84 23.94 41.26
N LYS C 247 -8.87 23.46 40.58
CA LYS C 247 -9.77 22.46 41.18
C LYS C 247 -9.14 21.07 41.30
N PHE C 248 -7.93 20.89 40.78
CA PHE C 248 -7.27 19.59 40.82
C PHE C 248 -6.00 19.59 41.67
N GLU C 249 -5.94 20.52 42.61
CA GLU C 249 -4.75 20.64 43.45
C GLU C 249 -5.06 20.16 44.88
N GLN C 250 -5.84 19.09 44.99
CA GLN C 250 -6.10 18.46 46.27
C GLN C 250 -4.79 17.97 46.87
N VAL C 251 -4.57 18.28 48.13
CA VAL C 251 -3.37 17.79 48.83
C VAL C 251 -3.77 17.07 50.11
N ALA D 2 -13.20 22.62 -8.86
CA ALA D 2 -13.68 22.60 -10.25
C ALA D 2 -12.68 23.22 -11.23
N GLN D 3 -12.26 24.46 -11.00
CA GLN D 3 -11.08 24.97 -11.70
C GLN D 3 -9.84 24.44 -10.98
N PRO D 4 -8.78 24.11 -11.74
CA PRO D 4 -7.57 23.65 -11.06
C PRO D 4 -6.98 24.76 -10.20
N ILE D 5 -6.52 24.39 -8.99
CA ILE D 5 -5.76 25.30 -8.16
C ILE D 5 -4.40 25.54 -8.84
N VAL D 6 -3.89 26.77 -8.79
CA VAL D 6 -2.57 27.05 -9.36
C VAL D 6 -1.51 26.88 -8.27
N PHE D 7 -0.57 25.97 -8.51
CA PHE D 7 0.41 25.58 -7.48
C PHE D 7 1.79 26.02 -7.93
N TYR D 8 2.41 26.92 -7.17
CA TYR D 8 3.69 27.49 -7.58
C TYR D 8 4.85 26.71 -6.97
N ASP D 9 5.72 26.21 -7.85
CA ASP D 9 6.78 25.28 -7.48
C ASP D 9 8.04 25.72 -8.23
N ILE D 10 9.19 25.20 -7.79
CA ILE D 10 10.49 25.55 -8.37
C ILE D 10 10.98 24.42 -9.27
N PRO D 11 11.32 24.74 -10.53
CA PRO D 11 11.71 23.74 -11.53
C PRO D 11 13.13 23.21 -11.34
N SER D 12 13.49 22.22 -12.14
CA SER D 12 14.83 21.61 -12.07
C SER D 12 15.32 21.28 -13.48
N ASN D 13 16.57 20.84 -13.55
CA ASN D 13 17.20 20.54 -14.85
C ASN D 13 17.19 19.05 -15.17
N GLU D 14 17.95 18.65 -16.19
CA GLU D 14 17.91 17.26 -16.65
C GLU D 14 18.49 16.27 -15.64
N ARG D 15 19.31 16.77 -14.72
CA ARG D 15 19.92 15.90 -13.71
C ARG D 15 18.88 15.06 -12.98
N ILE D 16 17.70 15.65 -12.73
CA ILE D 16 16.64 14.90 -12.07
C ILE D 16 15.38 14.82 -12.94
N LYS D 17 15.61 14.84 -14.25
CA LYS D 17 14.57 14.79 -15.28
C LYS D 17 13.47 15.81 -15.04
N HIS D 18 13.86 17.00 -14.60
CA HIS D 18 12.93 18.13 -14.44
C HIS D 18 11.82 17.86 -13.41
N SER D 19 12.08 16.94 -12.48
CA SER D 19 11.11 16.63 -11.43
C SER D 19 11.00 17.77 -10.42
N PRO D 20 9.81 17.96 -9.82
CA PRO D 20 9.76 18.85 -8.64
C PRO D 20 10.60 18.22 -7.55
N TRP D 21 11.17 19.00 -6.63
CA TRP D 21 12.16 18.44 -5.70
C TRP D 21 12.11 19.05 -4.31
N SER D 22 11.60 20.27 -4.20
CA SER D 22 11.71 21.04 -2.97
C SER D 22 10.93 20.40 -1.83
N PRO D 23 11.56 20.29 -0.64
CA PRO D 23 10.83 19.64 0.45
C PRO D 23 9.63 20.47 0.89
N ASN D 24 9.76 21.78 0.81
CA ASN D 24 8.65 22.64 1.21
C ASN D 24 7.48 22.60 0.23
N THR D 25 7.79 22.63 -1.06
CA THR D 25 6.71 22.54 -2.02
C THR D 25 6.13 21.13 -2.03
N TRP D 26 6.97 20.11 -1.80
CA TRP D 26 6.42 18.75 -1.76
C TRP D 26 5.41 18.55 -0.65
N LYS D 27 5.49 19.31 0.44
CA LYS D 27 4.47 19.17 1.49
C LYS D 27 3.12 19.49 0.89
N ILE D 28 3.08 20.49 0.02
CA ILE D 28 1.79 20.91 -0.56
C ILE D 28 1.42 20.06 -1.77
N ARG D 29 2.42 19.60 -2.53
CA ARG D 29 2.13 18.63 -3.58
C ARG D 29 1.50 17.37 -2.98
N TYR D 30 2.08 16.87 -1.89
CA TYR D 30 1.48 15.75 -1.17
C TYR D 30 0.08 16.09 -0.67
N ALA D 31 -0.10 17.27 -0.09
CA ALA D 31 -1.40 17.65 0.47
C ALA D 31 -2.47 17.65 -0.61
N LEU D 32 -2.14 18.24 -1.76
CA LEU D 32 -3.06 18.29 -2.88
C LEU D 32 -3.37 16.89 -3.41
N ASN D 33 -2.33 16.08 -3.59
CA ASN D 33 -2.52 14.71 -4.07
C ASN D 33 -3.31 13.85 -3.09
N TYR D 34 -2.99 13.95 -1.82
CA TYR D 34 -3.70 13.23 -0.78
C TYR D 34 -5.19 13.61 -0.75
N LYS D 35 -5.47 14.89 -0.95
CA LYS D 35 -6.86 15.34 -0.88
C LYS D 35 -7.61 15.14 -2.20
N GLY D 36 -6.88 14.73 -3.24
CA GLY D 36 -7.48 14.46 -4.55
C GLY D 36 -7.93 15.72 -5.28
N LEU D 37 -7.33 16.85 -4.92
CA LEU D 37 -7.71 18.13 -5.50
C LEU D 37 -7.01 18.39 -6.83
N LYS D 38 -7.73 18.99 -7.78
CA LYS D 38 -7.18 19.26 -9.10
C LYS D 38 -6.28 20.49 -9.02
N TYR D 39 -5.10 20.41 -9.65
CA TYR D 39 -4.20 21.55 -9.68
C TYR D 39 -3.29 21.49 -10.89
N LYS D 40 -2.69 22.61 -11.22
CA LYS D 40 -1.65 22.64 -12.25
C LYS D 40 -0.47 23.39 -11.67
N THR D 41 0.72 22.97 -12.04
CA THR D 41 1.90 23.62 -11.52
C THR D 41 2.31 24.79 -12.40
N GLU D 42 2.60 25.93 -11.77
CA GLU D 42 3.30 27.02 -12.42
C GLU D 42 4.73 26.99 -11.90
N TRP D 43 5.70 26.97 -12.80
CA TRP D 43 7.12 26.89 -12.38
C TRP D 43 7.79 28.25 -12.27
N VAL D 44 8.43 28.50 -11.14
CA VAL D 44 9.06 29.78 -10.89
C VAL D 44 10.51 29.59 -10.45
N GLU D 45 11.45 30.19 -11.18
CA GLU D 45 12.84 30.15 -10.73
C GLU D 45 13.03 30.97 -9.45
N TYR D 46 14.02 30.59 -8.65
CA TYR D 46 14.28 31.27 -7.38
C TYR D 46 14.30 32.80 -7.43
N PRO D 47 15.09 33.41 -8.34
CA PRO D 47 15.15 34.87 -8.28
C PRO D 47 13.85 35.55 -8.74
N ASP D 48 12.91 34.78 -9.27
CA ASP D 48 11.65 35.31 -9.78
C ASP D 48 10.53 35.17 -8.76
N ILE D 49 10.77 34.45 -7.68
CA ILE D 49 9.74 34.18 -6.67
C ILE D 49 9.18 35.46 -6.05
N ALA D 50 10.04 36.38 -5.65
CA ALA D 50 9.59 37.63 -5.02
C ALA D 50 8.59 38.38 -5.90
N GLY D 51 8.95 38.58 -7.16
CA GLY D 51 8.07 39.28 -8.10
C GLY D 51 6.76 38.55 -8.34
N VAL D 52 6.83 37.24 -8.51
CA VAL D 52 5.62 36.46 -8.77
C VAL D 52 4.65 36.50 -7.59
N VAL D 53 5.16 36.28 -6.38
CA VAL D 53 4.29 36.26 -5.22
C VAL D 53 3.75 37.65 -4.88
N GLN D 54 4.60 38.67 -5.00
CA GLN D 54 4.17 40.04 -4.79
C GLN D 54 3.02 40.39 -5.71
N LYS D 55 3.19 40.04 -6.98
CA LYS D 55 2.19 40.34 -8.00
C LYS D 55 0.86 39.64 -7.69
N LEU D 56 0.95 38.47 -7.06
CA LEU D 56 -0.24 37.73 -6.64
C LEU D 56 -1.00 38.40 -5.50
N GLY D 57 -0.34 39.36 -4.84
CA GLY D 57 -0.91 39.97 -3.65
C GLY D 57 -0.51 39.15 -2.45
N GLY D 58 0.46 38.28 -2.68
CA GLY D 58 1.01 37.46 -1.61
C GLY D 58 1.81 38.34 -0.68
N LYS D 59 1.87 37.95 0.58
CA LYS D 59 2.67 38.68 1.54
C LYS D 59 3.97 37.91 1.71
N PRO D 60 5.03 38.60 2.11
CA PRO D 60 6.27 37.88 2.41
C PRO D 60 6.05 36.99 3.64
N THR D 61 6.55 35.76 3.60
CA THR D 61 6.34 34.81 4.69
C THR D 61 7.21 35.13 5.91
N GLU D 62 8.18 36.01 5.73
CA GLU D 62 9.12 36.33 6.80
C GLU D 62 9.71 37.74 6.67
N LYS D 63 9.92 38.38 7.82
CA LYS D 63 10.61 39.67 7.85
C LYS D 63 11.87 39.56 8.71
N THR D 64 12.90 40.33 8.34
CA THR D 64 14.23 40.18 8.94
C THR D 64 14.54 41.22 10.01
N PRO D 65 15.58 40.95 10.81
CA PRO D 65 16.29 41.95 11.61
C PRO D 65 16.50 43.24 10.82
N ASP D 66 17.14 43.15 9.66
CA ASP D 66 17.34 44.33 8.81
C ASP D 66 16.02 44.95 8.34
N GLY D 67 14.98 44.12 8.21
CA GLY D 67 13.62 44.60 7.97
C GLY D 67 13.20 44.65 6.51
N ARG D 68 13.14 43.49 5.86
CA ARG D 68 12.98 43.45 4.41
C ARG D 68 12.18 42.24 3.92
N ASP D 69 11.72 42.30 2.66
CA ASP D 69 10.79 41.31 2.12
C ASP D 69 11.41 40.02 1.59
N HIS D 70 11.08 38.91 2.25
CA HIS D 70 11.48 37.59 1.80
C HIS D 70 10.22 36.78 1.46
N TYR D 71 10.14 36.33 0.22
CA TYR D 71 9.01 35.51 -0.22
C TYR D 71 9.50 34.07 -0.42
N THR D 72 8.62 33.11 -0.23
CA THR D 72 8.98 31.71 -0.47
C THR D 72 7.88 31.01 -1.23
N LEU D 73 8.24 29.89 -1.88
CA LEU D 73 7.26 28.91 -2.33
C LEU D 73 7.25 27.71 -1.35
N PRO D 74 6.12 26.99 -1.25
CA PRO D 74 4.91 27.04 -2.08
C PRO D 74 3.98 28.21 -1.78
N VAL D 75 3.24 28.59 -2.82
CA VAL D 75 2.08 29.46 -2.72
C VAL D 75 1.04 28.82 -3.63
N ILE D 76 -0.25 28.99 -3.33
CA ILE D 76 -1.26 28.61 -4.30
C ILE D 76 -2.13 29.82 -4.61
N TYR D 77 -2.68 29.82 -5.82
CA TYR D 77 -3.81 30.68 -6.14
C TYR D 77 -5.00 29.77 -6.42
N ASP D 78 -6.07 29.94 -5.66
CA ASP D 78 -7.27 29.14 -5.88
C ASP D 78 -8.31 29.95 -6.62
N PRO D 79 -8.51 29.67 -7.92
CA PRO D 79 -9.44 30.48 -8.71
C PRO D 79 -10.88 30.29 -8.25
N ASN D 80 -11.16 29.17 -7.60
CA ASN D 80 -12.52 28.89 -7.12
C ASN D 80 -12.95 29.81 -5.98
N THR D 81 -11.99 30.28 -5.19
CA THR D 81 -12.26 31.15 -4.06
C THR D 81 -11.62 32.51 -4.26
N LYS D 82 -10.85 32.62 -5.35
CA LYS D 82 -10.04 33.80 -5.66
C LYS D 82 -9.09 34.19 -4.54
N LYS D 83 -8.49 33.20 -3.89
CA LYS D 83 -7.58 33.47 -2.80
C LYS D 83 -6.16 33.03 -3.13
N VAL D 84 -5.20 33.84 -2.71
CA VAL D 84 -3.79 33.46 -2.72
C VAL D 84 -3.45 33.05 -1.31
N VAL D 85 -2.82 31.88 -1.14
CA VAL D 85 -2.44 31.43 0.18
C VAL D 85 -0.96 31.09 0.16
N GLU D 86 -0.22 31.67 1.11
CA GLU D 86 1.23 31.48 1.19
C GLU D 86 1.54 30.66 2.44
N ASP D 87 2.74 30.07 2.48
CA ASP D 87 3.25 29.34 3.65
C ASP D 87 2.64 27.94 3.68
N SER D 88 3.48 26.91 3.65
CA SER D 88 2.99 25.54 3.51
C SER D 88 1.98 25.17 4.61
N ALA D 89 2.28 25.52 5.86
CA ALA D 89 1.39 25.14 6.95
C ALA D 89 0.01 25.78 6.79
N ALA D 90 0.00 27.04 6.37
CA ALA D 90 -1.26 27.76 6.20
C ALA D 90 -2.02 27.27 4.99
N ILE D 91 -1.29 26.84 3.95
CA ILE D 91 -1.93 26.30 2.76
C ILE D 91 -2.62 24.99 3.13
N ALA D 92 -1.93 24.15 3.87
CA ALA D 92 -2.52 22.89 4.31
C ALA D 92 -3.78 23.12 5.13
N LYS D 93 -3.73 24.07 6.07
CA LYS D 93 -4.90 24.37 6.89
C LYS D 93 -6.05 24.92 6.05
N TYR D 94 -5.72 25.80 5.10
CA TYR D 94 -6.71 26.32 4.16
C TYR D 94 -7.39 25.18 3.42
N LEU D 95 -6.61 24.20 2.98
CA LEU D 95 -7.19 23.09 2.22
C LEU D 95 -8.14 22.24 3.06
N ASP D 96 -7.88 22.13 4.36
CA ASP D 96 -8.82 21.49 5.28
C ASP D 96 -10.12 22.29 5.40
N GLU D 97 -9.98 23.58 5.65
CA GLU D 97 -11.11 24.45 5.98
C GLU D 97 -12.03 24.71 4.79
N THR D 98 -11.42 24.94 3.63
CA THR D 98 -12.14 25.34 2.43
C THR D 98 -12.61 24.14 1.63
N TYR D 99 -12.02 22.99 1.90
CA TYR D 99 -12.42 21.75 1.23
C TYR D 99 -12.77 20.69 2.26
N PRO D 100 -13.86 20.93 3.01
CA PRO D 100 -14.20 20.07 4.15
C PRO D 100 -14.45 18.62 3.78
N ASP D 101 -14.75 18.31 2.52
CA ASP D 101 -15.04 16.92 2.14
C ASP D 101 -13.78 16.10 1.89
N THR D 102 -12.63 16.75 1.88
CA THR D 102 -11.37 16.04 1.64
C THR D 102 -10.80 15.55 2.97
N PRO D 103 -9.91 14.53 2.94
CA PRO D 103 -9.34 14.04 4.21
C PRO D 103 -8.59 15.13 4.96
N LYS D 104 -8.79 15.21 6.27
CA LYS D 104 -8.16 16.26 7.08
C LYS D 104 -6.68 16.02 7.33
N LEU D 105 -5.88 17.07 7.14
CA LEU D 105 -4.46 17.04 7.48
C LEU D 105 -4.24 17.51 8.91
N PHE D 106 -5.21 18.28 9.44
CA PHE D 106 -5.23 18.65 10.85
C PHE D 106 -6.53 18.18 11.49
N PRO D 107 -6.56 16.91 11.94
CA PRO D 107 -7.74 16.39 12.62
C PRO D 107 -8.09 17.23 13.83
N ALA D 108 -9.36 17.22 14.22
CA ALA D 108 -9.80 18.04 15.34
C ALA D 108 -8.92 17.80 16.56
N GLY D 109 -8.53 18.89 17.21
CA GLY D 109 -7.79 18.82 18.45
C GLY D 109 -6.28 18.61 18.30
N THR D 110 -5.79 18.57 17.06
CA THR D 110 -4.37 18.32 16.83
C THR D 110 -3.54 19.54 16.42
N ASP D 111 -4.16 20.69 16.21
CA ASP D 111 -3.38 21.81 15.64
C ASP D 111 -2.18 22.24 16.50
N ALA D 112 -2.37 22.34 17.80
CA ALA D 112 -1.27 22.81 18.67
C ALA D 112 -0.16 21.77 18.72
N PHE D 113 -0.56 20.52 18.88
CA PHE D 113 0.41 19.41 18.88
C PHE D 113 1.20 19.37 17.59
N GLN D 114 0.51 19.59 16.47
CA GLN D 114 1.22 19.58 15.20
C GLN D 114 2.15 20.78 15.08
N ALA D 115 1.72 21.93 15.57
CA ALA D 115 2.58 23.12 15.55
C ALA D 115 3.88 22.87 16.30
N ALA D 116 3.77 22.28 17.49
CA ALA D 116 4.94 21.91 18.30
C ALA D 116 5.84 20.95 17.53
N PHE D 117 5.23 19.94 16.92
CA PHE D 117 5.98 18.92 16.19
C PHE D 117 6.74 19.54 15.02
N LEU D 118 6.09 20.48 14.33
CA LEU D 118 6.69 21.13 13.18
C LEU D 118 7.89 21.99 13.61
N ASP D 119 7.93 22.40 14.88
CA ASP D 119 9.13 23.04 15.44
C ASP D 119 10.25 22.02 15.72
N PHE D 120 9.91 20.74 15.76
CA PHE D 120 10.92 19.70 15.94
C PHE D 120 11.52 19.32 14.59
N ALA D 121 10.65 19.18 13.59
CA ALA D 121 11.00 18.50 12.35
C ALA D 121 12.12 19.15 11.55
N TRP D 122 11.97 20.42 11.17
CA TRP D 122 13.04 21.09 10.44
C TRP D 122 14.35 21.23 11.23
N PRO D 123 14.28 21.77 12.47
CA PRO D 123 15.53 22.01 13.19
C PRO D 123 16.29 20.75 13.56
N VAL D 124 15.59 19.65 13.81
CA VAL D 124 16.26 18.45 14.26
C VAL D 124 16.54 17.47 13.14
N LEU D 125 15.62 17.33 12.20
CA LEU D 125 15.80 16.34 11.14
C LEU D 125 16.05 17.00 9.78
N GLY D 126 15.25 18.00 9.46
CA GLY D 126 15.38 18.65 8.16
C GLY D 126 16.74 19.25 7.87
N PHE D 127 17.30 19.95 8.84
CA PHE D 127 18.57 20.61 8.59
C PHE D 127 19.73 19.68 8.30
N PRO D 128 19.92 18.61 9.10
CA PRO D 128 20.99 17.67 8.74
C PRO D 128 20.75 17.01 7.38
N VAL D 129 19.51 16.68 7.06
CA VAL D 129 19.22 16.18 5.72
C VAL D 129 19.62 17.21 4.66
N PHE D 130 19.27 18.47 4.92
CA PHE D 130 19.62 19.58 4.03
C PHE D 130 21.11 19.61 3.76
N MSE D 131 21.93 19.42 4.79
CA MSE D 131 23.39 19.46 4.60
C MSE D 131 23.88 18.36 3.66
O MSE D 131 24.89 18.52 2.95
CB MSE D 131 24.13 19.40 5.94
CG MSE D 131 23.79 20.56 6.89
SE MSE D 131 24.13 22.33 6.16
CE MSE D 131 22.37 22.73 5.42
N LEU D 132 23.19 17.22 3.67
CA LEU D 132 23.59 16.06 2.89
C LEU D 132 23.10 16.11 1.44
N VAL D 133 22.13 16.98 1.16
CA VAL D 133 21.59 17.05 -0.19
C VAL D 133 21.74 18.42 -0.83
N ILE D 134 22.33 19.39 -0.13
CA ILE D 134 22.30 20.77 -0.62
C ILE D 134 23.14 21.00 -1.89
N LEU D 135 24.32 20.38 -1.97
CA LEU D 135 25.15 20.55 -3.18
C LEU D 135 24.45 19.94 -4.40
N ASP D 136 23.98 18.71 -4.24
CA ASP D 136 23.29 18.03 -5.31
C ASP D 136 22.01 18.80 -5.71
N THR D 137 21.35 19.40 -4.73
CA THR D 137 20.18 20.24 -5.02
C THR D 137 20.57 21.43 -5.91
N ALA D 138 21.64 22.14 -5.55
CA ALA D 138 22.10 23.26 -6.35
C ALA D 138 22.37 22.82 -7.78
N ASN D 139 22.99 21.63 -7.93
CA ASN D 139 23.33 21.13 -9.26
C ASN D 139 22.16 20.53 -10.03
N SER D 140 20.99 20.55 -9.41
CA SER D 140 19.75 20.16 -10.08
C SER D 140 18.91 21.36 -10.51
N LEU D 141 19.39 22.58 -10.28
CA LEU D 141 18.63 23.76 -10.64
C LEU D 141 19.04 24.33 -11.99
N LEU D 142 18.10 24.98 -12.68
CA LEU D 142 18.45 25.74 -13.89
C LEU D 142 19.40 26.88 -13.49
N PRO D 143 20.24 27.35 -14.44
CA PRO D 143 21.34 28.25 -14.07
C PRO D 143 20.97 29.49 -13.25
N ARG D 144 19.88 30.16 -13.58
CA ARG D 144 19.49 31.35 -12.81
C ARG D 144 19.13 30.98 -11.38
N SER D 145 18.46 29.85 -11.21
CA SER D 145 18.13 29.37 -9.87
C SER D 145 19.39 28.85 -9.14
N HIS D 146 20.25 28.14 -9.87
CA HIS D 146 21.52 27.68 -9.29
C HIS D 146 22.35 28.83 -8.72
N ASP D 147 22.54 29.88 -9.50
CA ASP D 147 23.32 31.03 -9.02
C ASP D 147 22.70 31.66 -7.78
N TYR D 148 21.40 31.84 -7.79
CA TYR D 148 20.71 32.45 -6.66
C TYR D 148 20.81 31.54 -5.43
N PHE D 149 20.56 30.26 -5.64
CA PHE D 149 20.55 29.29 -4.56
C PHE D 149 21.93 29.13 -3.96
N ARG D 150 22.93 28.97 -4.80
CA ARG D 150 24.29 28.82 -4.28
C ARG D 150 24.73 30.07 -3.55
N SER D 151 24.47 31.24 -4.12
CA SER D 151 24.88 32.50 -3.50
C SER D 151 24.24 32.69 -2.13
N THR D 152 22.92 32.62 -2.08
CA THR D 152 22.22 32.83 -0.83
C THR D 152 22.51 31.75 0.22
N ARG D 153 22.52 30.47 -0.18
CA ARG D 153 22.73 29.43 0.83
C ARG D 153 24.16 29.40 1.37
N GLU D 154 25.15 29.68 0.52
CA GLU D 154 26.53 29.75 1.01
C GLU D 154 26.73 30.90 1.97
N GLN D 155 26.05 32.00 1.69
CA GLN D 155 26.07 33.17 2.58
C GLN D 155 25.49 32.77 3.94
N LYS D 156 24.36 32.08 3.92
CA LYS D 156 23.68 31.64 5.13
C LYS D 156 24.54 30.69 5.94
N PHE D 157 25.03 29.64 5.30
CA PHE D 157 25.75 28.59 6.02
C PHE D 157 27.25 28.85 6.19
N GLY D 158 27.78 29.86 5.50
CA GLY D 158 29.15 30.29 5.69
C GLY D 158 30.26 29.38 5.16
N LYS D 159 29.89 28.49 4.26
CA LYS D 159 30.84 27.54 3.66
C LYS D 159 30.44 27.31 2.22
N LYS D 160 31.33 26.76 1.41
CA LYS D 160 30.93 26.36 0.06
C LYS D 160 29.97 25.18 0.17
N LEU D 161 29.03 25.04 -0.78
CA LEU D 161 28.06 23.97 -0.69
C LEU D 161 28.77 22.61 -0.63
N GLU D 162 29.93 22.54 -1.29
CA GLU D 162 30.71 21.31 -1.33
C GLU D 162 31.20 20.89 0.06
N GLU D 163 31.24 21.83 0.99
CA GLU D 163 31.80 21.56 2.32
C GLU D 163 30.76 21.10 3.35
N LEU D 164 29.49 21.13 2.98
CA LEU D 164 28.41 20.95 3.95
C LEU D 164 28.07 19.49 4.31
N ALA D 165 28.16 18.59 3.34
CA ALA D 165 27.90 17.18 3.63
C ALA D 165 29.08 16.53 4.35
N THR D 166 28.82 15.97 5.52
CA THR D 166 29.86 15.29 6.31
C THR D 166 29.29 14.07 7.00
N GLU D 167 30.15 13.19 7.48
CA GLU D 167 29.68 12.03 8.25
C GLU D 167 28.95 12.45 9.52
N GLU D 168 29.36 13.57 10.09
CA GLU D 168 28.72 14.10 11.27
C GLU D 168 27.26 14.43 10.99
N GLU D 169 26.97 14.90 9.78
CA GLU D 169 25.59 15.20 9.41
C GLU D 169 24.77 13.93 9.27
N TRP D 170 25.40 12.86 8.76
CA TRP D 170 24.74 11.56 8.73
C TRP D 170 24.39 11.09 10.13
N ALA D 171 25.30 11.32 11.07
CA ALA D 171 25.04 10.94 12.45
C ALA D 171 23.88 11.76 13.00
N LYS D 172 23.84 13.05 12.67
CA LYS D 172 22.72 13.90 13.11
C LYS D 172 21.39 13.51 12.50
N VAL D 173 21.40 13.12 11.22
CA VAL D 173 20.18 12.62 10.60
C VAL D 173 19.73 11.39 11.37
N GLU D 174 20.65 10.47 11.62
CA GLU D 174 20.27 9.25 12.33
C GLU D 174 19.75 9.54 13.74
N ALA D 175 20.38 10.49 14.42
CA ALA D 175 19.95 10.84 15.79
C ALA D 175 18.56 11.46 15.77
N GLY D 176 18.29 12.27 14.74
CA GLY D 176 16.99 12.91 14.60
C GLY D 176 15.93 11.87 14.35
N LEU D 177 16.22 10.92 13.46
CA LEU D 177 15.28 9.84 13.17
C LEU D 177 15.07 8.94 14.40
N ALA D 178 16.12 8.75 15.20
CA ALA D 178 15.98 7.97 16.43
C ALA D 178 15.01 8.64 17.40
N LYS D 179 15.06 9.97 17.49
CA LYS D 179 14.09 10.70 18.28
C LYS D 179 12.68 10.48 17.76
N LEU D 180 12.50 10.65 16.46
CA LEU D 180 11.18 10.44 15.85
C LEU D 180 10.70 9.00 16.04
N LYS D 181 11.62 8.04 15.90
CA LYS D 181 11.27 6.65 16.16
C LYS D 181 10.77 6.48 17.60
N GLY D 182 11.42 7.15 18.54
CA GLY D 182 11.00 7.12 19.93
C GLY D 182 9.59 7.68 20.12
N TYR D 183 9.25 8.75 19.40
CA TYR D 183 7.89 9.29 19.47
C TYR D 183 6.89 8.28 18.92
N LEU D 184 7.17 7.75 17.74
CA LEU D 184 6.28 6.79 17.11
C LEU D 184 6.10 5.53 17.97
N ASP D 185 7.16 5.11 18.66
CA ASP D 185 7.06 3.95 19.55
C ASP D 185 5.97 4.11 20.63
N ALA D 186 5.72 5.35 21.05
CA ALA D 186 4.72 5.56 22.09
C ALA D 186 3.31 5.15 21.64
N ASN D 187 3.10 5.05 20.33
CA ASN D 187 1.81 4.62 19.80
C ASN D 187 1.56 3.12 19.97
N GLY D 188 2.64 2.37 20.22
CA GLY D 188 2.55 0.93 20.38
C GLY D 188 2.79 0.19 19.08
N LYS D 189 3.02 -1.12 19.17
CA LYS D 189 3.34 -1.92 18.00
C LYS D 189 2.22 -1.93 16.99
N GLY D 190 2.57 -1.87 15.70
CA GLY D 190 1.56 -1.82 14.66
C GLY D 190 1.00 -0.42 14.43
N ASN D 191 1.25 0.49 15.37
CA ASN D 191 0.77 1.87 15.25
C ASN D 191 1.91 2.87 15.13
N ASP D 192 3.10 2.38 14.79
CA ASP D 192 4.30 3.21 14.89
C ASP D 192 4.82 3.68 13.55
N LEU D 193 3.98 3.70 12.52
CA LEU D 193 4.38 4.23 11.20
C LEU D 193 3.59 5.47 10.77
N LEU D 194 2.66 5.91 11.63
CA LEU D 194 1.97 7.18 11.41
C LEU D 194 1.84 7.84 12.78
N LEU D 195 1.92 9.17 12.84
CA LEU D 195 1.91 9.85 14.12
C LEU D 195 0.66 9.56 14.96
N MSE D 196 -0.48 9.39 14.29
CA MSE D 196 -1.74 9.11 14.99
C MSE D 196 -2.12 7.62 14.91
O MSE D 196 -3.26 7.24 15.23
CB MSE D 196 -2.86 9.98 14.44
CG MSE D 196 -2.50 11.44 14.54
SE MSE D 196 -4.02 12.59 14.36
CE MSE D 196 -5.06 12.00 15.88
N GLY D 197 -1.17 6.79 14.50
CA GLY D 197 -1.36 5.35 14.55
C GLY D 197 -1.89 4.79 13.25
N ALA D 198 -2.09 3.47 13.22
CA ALA D 198 -2.41 2.77 11.98
C ALA D 198 -3.71 3.25 11.35
N GLN D 199 -4.71 3.53 12.18
CA GLN D 199 -6.02 3.94 11.69
C GLN D 199 -6.25 5.45 11.79
N GLY D 200 -5.18 6.22 12.01
CA GLY D 200 -5.29 7.63 12.31
C GLY D 200 -5.24 8.54 11.11
N GLY D 201 -4.84 7.99 9.97
CA GLY D 201 -4.79 8.77 8.75
C GLY D 201 -3.50 9.56 8.68
N ILE D 202 -3.13 10.01 7.48
CA ILE D 202 -1.94 10.84 7.30
C ILE D 202 -2.24 12.27 7.78
N THR D 203 -1.36 12.81 8.61
CA THR D 203 -1.46 14.20 9.04
C THR D 203 -0.45 15.08 8.29
N TYR D 204 -0.58 16.39 8.45
CA TYR D 204 0.39 17.31 7.84
C TYR D 204 1.77 17.04 8.40
N SER D 205 1.81 16.69 9.68
CA SER D 205 3.09 16.40 10.33
C SER D 205 3.75 15.17 9.73
N ASP D 206 2.97 14.15 9.42
CA ASP D 206 3.51 12.99 8.71
C ASP D 206 4.07 13.41 7.35
N ILE D 207 3.32 14.25 6.65
CA ILE D 207 3.76 14.76 5.35
C ILE D 207 5.06 15.56 5.47
N GLN D 208 5.20 16.30 6.58
CA GLN D 208 6.45 17.04 6.81
C GLN D 208 7.65 16.09 6.80
N ILE D 209 7.53 14.97 7.50
CA ILE D 209 8.62 13.99 7.52
C ILE D 209 8.81 13.38 6.14
N ALA D 210 7.72 12.95 5.49
CA ALA D 210 7.80 12.38 4.15
C ALA D 210 8.50 13.31 3.16
N SER D 211 8.27 14.61 3.30
CA SER D 211 8.84 15.56 2.34
C SER D 211 10.36 15.59 2.38
N PHE D 212 10.95 15.31 3.55
CA PHE D 212 12.40 15.20 3.62
C PHE D 212 12.89 13.99 2.82
N PHE D 213 12.12 12.91 2.88
CA PHE D 213 12.51 11.67 2.20
C PHE D 213 12.38 11.74 0.69
N VAL D 214 11.26 12.28 0.21
CA VAL D 214 11.09 12.40 -1.24
C VAL D 214 12.15 13.35 -1.84
N TRP D 215 12.50 14.39 -1.09
CA TRP D 215 13.56 15.34 -1.47
C TRP D 215 14.87 14.59 -1.69
N ALA D 216 15.29 13.86 -0.68
CA ALA D 216 16.54 13.10 -0.76
C ALA D 216 16.48 12.08 -1.89
N LYS D 217 15.37 11.35 -1.99
CA LYS D 217 15.24 10.33 -3.04
C LYS D 217 15.37 10.93 -4.44
N ILE D 218 14.65 12.02 -4.70
CA ILE D 218 14.73 12.66 -6.00
C ILE D 218 16.12 13.25 -6.29
N ILE D 219 16.70 13.93 -5.29
CA ILE D 219 17.96 14.61 -5.48
C ILE D 219 19.12 13.61 -5.61
N TRP D 220 19.14 12.60 -4.75
CA TRP D 220 20.21 11.58 -4.83
C TRP D 220 19.97 10.56 -5.94
N GLY D 221 18.70 10.18 -6.12
CA GLY D 221 18.35 9.12 -7.06
C GLY D 221 17.95 7.86 -6.30
N GLU D 222 16.85 7.25 -6.71
CA GLU D 222 16.30 6.12 -5.97
C GLU D 222 17.23 4.90 -6.02
N GLY D 223 18.09 4.84 -7.03
CA GLY D 223 19.03 3.74 -7.15
C GLY D 223 20.37 4.01 -6.50
N SER D 224 20.51 5.16 -5.85
CA SER D 224 21.80 5.58 -5.30
C SER D 224 22.18 4.89 -3.99
N GLU D 225 23.47 4.87 -3.68
CA GLU D 225 23.95 4.30 -2.42
C GLU D 225 23.48 5.13 -1.22
N LYS D 226 23.50 6.46 -1.37
CA LYS D 226 23.08 7.35 -0.29
C LYS D 226 21.61 7.18 0.07
N TRP D 227 20.74 7.09 -0.94
CA TRP D 227 19.33 6.83 -0.67
C TRP D 227 19.17 5.50 0.06
N LYS D 228 19.88 4.47 -0.40
CA LYS D 228 19.79 3.17 0.28
C LYS D 228 20.27 3.28 1.72
N ARG D 229 21.32 4.05 1.96
CA ARG D 229 21.84 4.23 3.31
C ARG D 229 20.80 4.89 4.22
N LEU D 230 20.18 5.95 3.71
CA LEU D 230 19.19 6.70 4.48
C LEU D 230 18.00 5.82 4.83
N ILE D 231 17.49 5.15 3.81
CA ILE D 231 16.28 4.35 3.94
C ILE D 231 16.54 3.03 4.67
N SER D 232 17.81 2.67 4.85
CA SER D 232 18.14 1.46 5.60
C SER D 232 18.33 1.68 7.10
N LEU D 233 18.37 2.95 7.54
CA LEU D 233 18.52 3.24 8.97
C LEU D 233 17.41 2.60 9.82
N HIS D 234 17.75 2.30 11.08
CA HIS D 234 16.83 1.69 12.03
C HIS D 234 16.15 0.47 11.44
N ASP D 235 16.97 -0.45 10.92
CA ASP D 235 16.50 -1.74 10.42
C ASP D 235 15.43 -1.58 9.34
N GLY D 236 15.52 -0.51 8.56
CA GLY D 236 14.63 -0.31 7.43
C GLY D 236 13.28 0.33 7.76
N LYS D 237 13.14 0.84 8.98
CA LYS D 237 11.87 1.42 9.41
C LYS D 237 11.38 2.50 8.45
N TRP D 238 12.31 3.33 7.99
CA TRP D 238 11.93 4.49 7.20
C TRP D 238 11.51 4.12 5.79
N ALA D 239 11.99 2.98 5.31
CA ALA D 239 11.49 2.47 4.03
C ALA D 239 10.00 2.19 4.15
N GLN D 240 9.58 1.65 5.29
CA GLN D 240 8.19 1.29 5.47
C GLN D 240 7.35 2.54 5.73
N PHE D 241 7.92 3.50 6.43
CA PHE D 241 7.24 4.76 6.67
C PHE D 241 6.98 5.46 5.34
N TYR D 242 8.06 5.62 4.59
CA TYR D 242 8.00 6.36 3.33
C TYR D 242 7.12 5.69 2.27
N ALA D 243 7.04 4.37 2.32
CA ALA D 243 6.23 3.61 1.36
C ALA D 243 4.75 4.04 1.36
N GLN D 244 4.27 4.60 2.47
CA GLN D 244 2.87 5.01 2.55
C GLN D 244 2.59 6.24 1.70
N PHE D 245 3.64 6.89 1.20
CA PHE D 245 3.48 8.15 0.46
C PHE D 245 3.70 8.05 -1.05
N THR D 246 4.22 6.92 -1.52
CA THR D 246 4.62 6.82 -2.92
C THR D 246 3.43 6.84 -3.88
N LYS D 247 2.25 6.51 -3.38
CA LYS D 247 1.03 6.62 -4.18
C LYS D 247 0.55 8.07 -4.30
N PHE D 248 1.19 8.98 -3.58
CA PHE D 248 0.79 10.39 -3.62
C PHE D 248 1.86 11.27 -4.25
N GLU D 249 2.58 10.71 -5.22
CA GLU D 249 3.68 11.43 -5.83
C GLU D 249 3.39 11.73 -7.30
N GLN D 250 2.11 11.97 -7.59
CA GLN D 250 1.67 12.40 -8.91
C GLN D 250 2.26 13.77 -9.25
N VAL D 251 2.88 13.85 -10.42
CA VAL D 251 3.31 15.12 -10.98
C VAL D 251 2.51 15.40 -12.26
N ASP D 252 1.81 16.53 -12.27
CA ASP D 252 0.98 16.94 -13.40
C ASP D 252 1.81 17.18 -14.66
S SO4 E . 0.49 -13.99 -38.83
O1 SO4 E . -0.22 -14.19 -37.56
O2 SO4 E . 0.90 -15.30 -39.33
O3 SO4 E . -0.41 -13.40 -39.83
O4 SO4 E . 1.63 -13.11 -38.62
C1 GOL F . 12.47 -24.56 -41.66
O1 GOL F . 12.18 -25.13 -42.94
C2 GOL F . 11.36 -24.86 -40.66
O2 GOL F . 10.21 -25.50 -41.21
C3 GOL F . 11.83 -25.47 -39.35
O3 GOL F . 10.74 -25.62 -38.45
S SO4 G . 0.88 -18.60 0.44
O1 SO4 G . 0.40 -17.33 1.03
O2 SO4 G . 0.55 -19.67 1.38
O3 SO4 G . 0.16 -18.78 -0.82
O4 SO4 G . 2.32 -18.54 0.21
S SO4 H . 14.31 18.63 40.23
O1 SO4 H . 13.48 19.61 40.92
O2 SO4 H . 14.04 17.28 40.73
O3 SO4 H . 14.06 18.68 38.79
O4 SO4 H . 15.73 18.94 40.47
S SO4 I . 15.38 25.39 0.81
O1 SO4 I . 16.44 26.38 1.03
O2 SO4 I . 14.96 24.82 2.09
O3 SO4 I . 14.25 26.05 0.14
O4 SO4 I . 15.84 24.30 -0.05
C1 GOL J . 27.25 15.27 -2.76
O1 GOL J . 27.27 14.79 -4.09
C2 GOL J . 26.44 14.32 -1.88
O2 GOL J . 25.05 14.47 -2.13
C3 GOL J . 26.72 14.68 -0.42
O3 GOL J . 25.88 13.94 0.45
C1 GOL K . -10.13 22.03 18.94
O1 GOL K . -9.01 22.90 18.84
C2 GOL K . -10.79 21.83 17.58
O2 GOL K . -9.86 21.38 16.61
C3 GOL K . -11.91 20.80 17.69
O3 GOL K . -12.64 20.82 16.47
#